data_8FRQ
#
_entry.id   8FRQ
#
_cell.length_a   119.331
_cell.length_b   179.769
_cell.length_c   234.464
_cell.angle_alpha   90.00
_cell.angle_beta   90.00
_cell.angle_gamma   90.00
#
_symmetry.space_group_name_H-M   'I 2 2 2'
#
loop_
_entity.id
_entity.type
_entity.pdbx_description
1 polymer 'Lysine-specific histone demethylase 1A'
2 polymer 'REST corepressor 1'
3 non-polymer '[(2R,3S,4R,5R)-5-(6-amino-9H-purin-9-yl)-3,4-dihydroxyoxolan-2-yl]methyl (2R,3S,4S)-5-[(4aS)-7,8-dimethyl-5-(3-{4-[(5-methyl-1,3,4-thiadiazol-2-yl)carbamoyl]phenyl}propanoyl)-2,4-dioxo-3,4,4a,5-tetrahydrobenzo[g]pteridin-10(2H)-yl]-2,3,4-trihydroxypentyl dihydrogen diphosphate (non-preferred name)'
#
loop_
_entity_poly.entity_id
_entity_poly.type
_entity_poly.pdbx_seq_one_letter_code
_entity_poly.pdbx_strand_id
1 'polypeptide(L)'
;GSSHHHHHHSSGLVPRGSHMLSGKKAAAAAAAAAAAATGTEAGPGTAGGSENGSEVAAQPAGLSGPAEVGPGAVGERTPR
KKEPPRASPPGGLAEPPGSAGPQAGPTVVPGSATPMETGIAETPEGRRTSRRKRAKVEYREMDESLANLSEDEYYSEEER
NAKAEKEKKLPPPPPQAPPEEENESEPEEPSGVEGAAFQSRLPHDRMTSQEAACFPDIISGPQQTQKVFLFIRNRTLQLW
LDNPKIQLTFEATLQQLEAPYNSDTVLVHRVHSYLERHGLINFGIYKRIKPLPTKKTGKVIIIGSGVSGLAAARQLQSFG
MDVTLLEARDRVGGRVATFRKGNYVADLGAMVVTGLGGNPMAVVSKQVNMELAKIKQKCPLYEANGQAVPKEKDEMVEQE
FNRLLEATSYLSHQLDFNVLNNKPVSLGQALEVVIQLQEKHVKDEQIEHWKKIVKTQEELKELLNKMVNLKEKIKELHQQ
YKEASEVKPPRDITAEFLVKSKHRDLTALCKEYDELAETQGKLEEKLQELEANPPSDVYLSSRDRQILDWHFANLEFANA
TPLSTLSLKHWDQDDDFEFTGSHLTVRNGYSCVPVALAEGLDIKLNTAVRQVRYTASGCEVIAVNTRSTSQTFIYKCDAV
LCTLPLGVLKQQPPAVQFVPPLPEWKTSAVQRMGFGNLNKVVLCFDRVFWDPSVNLFGHVGSTTASRGELFLFWNLYKAP
ILLALVAGEAAGIMENISDDVIVGRCLAILKGIFGSSAVPQPKETVVSRWRADPWARGSYSYVAAGSSGNDYDLMAQPIT
PGPSIPGAPQPIPRLFFAGEHTIRNYPATVHGALLSGLREAGRIADQFLGAMYTLPRQATPGVPAQQSPSM
;
A
2 'polypeptide(L)'
;GPLGSPEFRAKRKPPKGMFLSQEDVEAVSANATAATTVLRQLDMELVSVKRQIQNIKQTNSALKEKLDGGIEPYRLPEVI
QKCNARWTTEEQLLAVQAIRKYGRDFQAISDVIGNKSVVQVKNFFVNYRRRFNIDEVLQEWEAE
;
B
#
# COMPACT_ATOMS: atom_id res chain seq x y z
N PRO A 190 18.84 13.67 -16.34
CA PRO A 190 20.19 14.23 -16.14
C PRO A 190 21.10 14.06 -17.38
N SER A 191 22.04 14.99 -17.58
CA SER A 191 22.85 15.03 -18.80
C SER A 191 24.26 15.52 -18.52
N GLY A 192 25.19 15.13 -19.42
CA GLY A 192 26.56 15.55 -19.35
C GLY A 192 27.49 14.52 -18.73
N VAL A 193 28.50 14.97 -18.01
CA VAL A 193 29.24 14.03 -17.18
C VAL A 193 28.35 13.59 -16.03
N GLU A 194 27.56 14.51 -15.46
CA GLU A 194 26.70 14.15 -14.33
C GLU A 194 25.67 13.09 -14.71
N GLY A 195 25.31 13.00 -15.98
CA GLY A 195 24.38 11.96 -16.39
C GLY A 195 25.02 10.60 -16.40
N ALA A 196 26.29 10.53 -16.75
CA ALA A 196 27.01 9.27 -16.66
C ALA A 196 27.06 8.78 -15.21
N ALA A 197 27.20 9.70 -14.25
CA ALA A 197 27.22 9.26 -12.85
C ALA A 197 25.89 8.67 -12.45
N PHE A 198 24.79 9.35 -12.78
CA PHE A 198 23.46 8.84 -12.51
C PHE A 198 23.23 7.50 -13.21
N GLN A 199 23.67 7.39 -14.47
CA GLN A 199 23.46 6.17 -15.23
C GLN A 199 24.33 5.02 -14.72
N SER A 200 25.31 5.33 -13.88
CA SER A 200 26.13 4.33 -13.21
C SER A 200 25.76 4.18 -11.74
N ARG A 201 24.59 4.69 -11.35
CA ARG A 201 24.07 4.58 -9.98
C ARG A 201 25.01 5.23 -8.97
N LEU A 202 25.69 6.32 -9.37
CA LEU A 202 26.67 7.01 -8.53
C LEU A 202 26.32 8.48 -8.32
N PRO A 203 26.37 8.97 -7.09
CA PRO A 203 26.23 10.42 -6.86
C PRO A 203 27.31 11.18 -7.61
N HIS A 204 26.89 12.14 -8.44
CA HIS A 204 27.88 12.80 -9.32
C HIS A 204 28.76 13.77 -8.57
N ASP A 205 28.34 14.23 -7.40
CA ASP A 205 29.02 15.31 -6.69
C ASP A 205 29.61 14.87 -5.36
N ARG A 206 29.64 13.57 -5.09
CA ARG A 206 30.14 13.07 -3.82
C ARG A 206 30.83 11.73 -4.04
N MET A 207 31.73 11.40 -3.13
CA MET A 207 32.51 10.18 -3.20
C MET A 207 31.79 9.08 -2.43
N THR A 208 31.67 7.88 -3.05
CA THR A 208 30.96 6.77 -2.39
C THR A 208 31.85 6.09 -1.37
N SER A 209 31.24 5.28 -0.52
CA SER A 209 32.03 4.46 0.42
C SER A 209 33.02 3.57 -0.31
N GLN A 210 32.63 3.07 -1.48
CA GLN A 210 33.52 2.25 -2.29
C GLN A 210 34.80 3.00 -2.66
N GLU A 211 34.66 4.26 -3.04
CA GLU A 211 35.80 5.01 -3.53
C GLU A 211 36.66 5.54 -2.38
N ALA A 212 36.04 5.87 -1.26
CA ALA A 212 36.81 6.15 -0.06
C ALA A 212 37.71 4.97 0.29
N ALA A 213 37.26 3.75 0.01
CA ALA A 213 38.08 2.58 0.31
C ALA A 213 39.38 2.59 -0.49
N CYS A 214 39.29 2.77 -1.80
CA CYS A 214 40.45 2.73 -2.67
C CYS A 214 41.21 4.05 -2.75
N PHE A 215 40.60 5.17 -2.40
CA PHE A 215 41.24 6.47 -2.54
C PHE A 215 41.20 7.22 -1.22
N PRO A 216 41.58 6.58 -0.11
CA PRO A 216 41.48 7.27 1.18
C PRO A 216 42.36 8.47 1.27
N ASP A 217 43.38 8.59 0.41
CA ASP A 217 44.13 9.85 0.33
C ASP A 217 43.22 10.98 -0.12
N ILE A 218 42.42 10.74 -1.17
CA ILE A 218 41.67 11.84 -1.79
C ILE A 218 40.48 12.25 -0.93
N ILE A 219 39.65 11.28 -0.54
CA ILE A 219 38.49 11.62 0.29
C ILE A 219 38.88 12.22 1.64
N SER A 220 40.11 12.00 2.12
CA SER A 220 40.54 12.66 3.35
C SER A 220 41.29 13.94 3.08
N GLY A 221 41.58 14.22 1.80
CA GLY A 221 42.33 15.39 1.38
C GLY A 221 41.43 16.56 1.09
N PRO A 222 42.03 17.65 0.59
CA PRO A 222 41.27 18.89 0.37
C PRO A 222 40.20 18.79 -0.70
N GLN A 223 39.15 19.62 -0.56
CA GLN A 223 37.98 19.53 -1.42
C GLN A 223 38.30 19.70 -2.89
N GLN A 224 39.37 20.42 -3.22
CA GLN A 224 39.62 20.61 -4.64
C GLN A 224 40.00 19.31 -5.31
N THR A 225 40.82 18.51 -4.65
CA THR A 225 41.25 17.26 -5.31
C THR A 225 40.07 16.29 -5.45
N GLN A 226 39.09 16.37 -4.56
CA GLN A 226 37.92 15.46 -4.71
C GLN A 226 37.21 15.81 -6.01
N LYS A 227 37.06 17.09 -6.29
CA LYS A 227 36.37 17.54 -7.51
C LYS A 227 37.13 17.05 -8.74
N VAL A 228 38.46 17.08 -8.72
CA VAL A 228 39.13 16.56 -9.95
C VAL A 228 38.81 15.09 -10.07
N PHE A 229 38.93 14.37 -8.97
CA PHE A 229 38.71 12.92 -8.98
C PHE A 229 37.29 12.62 -9.44
N LEU A 230 36.34 13.35 -8.89
CA LEU A 230 34.93 13.13 -9.28
C LEU A 230 34.79 13.44 -10.75
N PHE A 231 35.40 14.50 -11.25
CA PHE A 231 35.25 14.79 -12.68
C PHE A 231 35.85 13.66 -13.51
N ILE A 232 36.99 13.15 -13.10
CA ILE A 232 37.63 12.07 -13.91
C ILE A 232 36.74 10.84 -13.89
N ARG A 233 36.15 10.53 -12.75
CA ARG A 233 35.29 9.34 -12.68
C ARG A 233 34.09 9.58 -13.58
N ASN A 234 33.45 10.75 -13.47
CA ASN A 234 32.23 10.95 -14.25
C ASN A 234 32.54 11.04 -15.72
N ARG A 235 33.63 11.73 -16.06
CA ARG A 235 34.09 11.77 -17.44
C ARG A 235 34.28 10.36 -17.98
N THR A 236 35.22 9.62 -17.39
CA THR A 236 35.54 8.26 -17.87
C THR A 236 34.28 7.43 -18.08
N LEU A 237 33.39 7.43 -17.09
CA LEU A 237 32.12 6.73 -17.23
C LEU A 237 31.44 7.10 -18.51
N GLN A 238 31.29 8.42 -18.74
CA GLN A 238 30.59 8.89 -19.93
C GLN A 238 31.22 8.33 -21.20
N LEU A 239 32.56 8.37 -21.28
CA LEU A 239 33.23 7.84 -22.47
C LEU A 239 32.85 6.38 -22.71
N TRP A 240 32.83 5.57 -21.66
CA TRP A 240 32.38 4.19 -21.80
C TRP A 240 30.89 4.14 -22.15
N LEU A 241 30.08 4.95 -21.48
CA LEU A 241 28.64 4.84 -21.67
C LEU A 241 28.23 5.25 -23.07
N ASP A 242 28.94 6.23 -23.65
CA ASP A 242 28.61 6.75 -24.98
C ASP A 242 28.85 5.70 -26.06
N ASN A 243 29.74 4.75 -25.80
CA ASN A 243 30.11 3.75 -26.81
C ASN A 243 30.54 2.50 -26.08
N PRO A 244 29.59 1.64 -25.69
CA PRO A 244 29.96 0.48 -24.90
C PRO A 244 30.17 -0.75 -25.74
N LYS A 245 30.37 -0.57 -27.05
CA LYS A 245 30.69 -1.70 -27.89
C LYS A 245 32.19 -1.96 -28.03
N ILE A 246 33.03 -1.13 -27.41
CA ILE A 246 34.48 -1.14 -27.61
C ILE A 246 35.17 -0.80 -26.30
N GLN A 247 36.17 -1.59 -25.93
CA GLN A 247 36.85 -1.40 -24.65
C GLN A 247 37.32 0.03 -24.50
N LEU A 248 37.22 0.55 -23.27
CA LEU A 248 37.76 1.87 -22.95
C LEU A 248 39.13 1.68 -22.30
N THR A 249 40.20 1.88 -23.07
CA THR A 249 41.55 1.74 -22.55
C THR A 249 41.97 2.98 -21.80
N PHE A 250 43.02 2.83 -21.00
CA PHE A 250 43.53 3.96 -20.23
C PHE A 250 44.09 5.06 -21.14
N GLU A 251 44.76 4.68 -22.23
CA GLU A 251 45.25 5.66 -23.18
C GLU A 251 44.11 6.42 -23.81
N ALA A 252 43.13 5.69 -24.35
CA ALA A 252 41.93 6.31 -24.89
C ALA A 252 41.35 7.34 -23.92
N THR A 253 41.36 7.01 -22.63
CA THR A 253 40.74 7.88 -21.64
C THR A 253 41.54 9.16 -21.46
N LEU A 254 42.83 9.01 -21.12
CA LEU A 254 43.68 10.17 -20.88
C LEU A 254 43.77 11.04 -22.12
N GLN A 255 43.70 10.44 -23.30
CA GLN A 255 43.78 11.21 -24.52
C GLN A 255 42.66 12.24 -24.62
N GLN A 256 41.45 11.90 -24.15
CA GLN A 256 40.29 12.76 -24.34
C GLN A 256 39.95 13.59 -23.10
N LEU A 257 40.65 13.40 -22.00
CA LEU A 257 40.57 14.33 -20.88
C LEU A 257 41.35 15.61 -21.18
N GLU A 258 40.92 16.71 -20.57
CA GLU A 258 41.65 17.96 -20.76
C GLU A 258 42.13 18.53 -19.43
N ALA A 259 43.25 19.25 -19.52
CA ALA A 259 43.83 19.99 -18.43
C ALA A 259 42.75 20.88 -17.81
N PRO A 260 42.75 21.08 -16.50
CA PRO A 260 43.82 20.63 -15.59
C PRO A 260 43.79 19.12 -15.31
N TYR A 261 42.76 18.43 -15.81
CA TYR A 261 42.48 17.07 -15.37
C TYR A 261 43.43 16.04 -15.99
N ASN A 262 43.78 16.17 -17.27
CA ASN A 262 44.72 15.22 -17.86
C ASN A 262 46.17 15.54 -17.54
N SER A 263 46.41 16.33 -16.49
CA SER A 263 47.76 16.66 -16.04
C SER A 263 48.35 15.58 -15.14
N ASP A 264 47.59 15.10 -14.16
CA ASP A 264 48.02 14.02 -13.27
C ASP A 264 47.67 12.68 -13.93
N THR A 265 48.68 11.91 -14.29
CA THR A 265 48.40 10.68 -15.01
C THR A 265 48.22 9.47 -14.09
N VAL A 266 48.72 9.50 -12.86
CA VAL A 266 48.41 8.41 -11.93
C VAL A 266 47.00 8.53 -11.38
N LEU A 267 46.52 9.78 -11.15
CA LEU A 267 45.12 9.92 -10.76
C LEU A 267 44.21 9.36 -11.82
N VAL A 268 44.51 9.62 -13.09
CA VAL A 268 43.69 9.05 -14.14
C VAL A 268 43.88 7.55 -14.20
N HIS A 269 45.11 7.07 -14.11
CA HIS A 269 45.32 5.62 -14.16
C HIS A 269 44.68 4.94 -12.97
N ARG A 270 44.70 5.58 -11.79
CA ARG A 270 44.03 4.98 -10.64
C ARG A 270 42.52 4.88 -10.86
N VAL A 271 41.89 6.01 -11.22
CA VAL A 271 40.45 6.03 -11.49
C VAL A 271 40.06 4.99 -12.54
N HIS A 272 40.75 4.99 -13.68
CA HIS A 272 40.36 4.07 -14.74
C HIS A 272 40.51 2.63 -14.31
N SER A 273 41.50 2.33 -13.47
CA SER A 273 41.68 0.92 -13.12
C SER A 273 40.60 0.48 -12.14
N TYR A 274 40.29 1.32 -11.15
CA TYR A 274 39.12 1.16 -10.31
C TYR A 274 37.86 0.86 -11.10
N LEU A 275 37.55 1.73 -12.07
CA LEU A 275 36.32 1.51 -12.82
C LEU A 275 36.35 0.17 -13.54
N GLU A 276 37.49 -0.18 -14.15
CA GLU A 276 37.52 -1.43 -14.90
C GLU A 276 37.31 -2.62 -13.97
N ARG A 277 37.75 -2.49 -12.71
CA ARG A 277 37.84 -3.61 -11.78
C ARG A 277 36.48 -3.91 -11.15
N HIS A 278 35.77 -2.87 -10.74
CA HIS A 278 34.43 -3.07 -10.22
C HIS A 278 33.37 -2.98 -11.27
N GLY A 279 33.75 -3.13 -12.54
CA GLY A 279 32.82 -3.32 -13.64
C GLY A 279 31.94 -2.14 -13.96
N LEU A 280 32.33 -0.92 -13.59
CA LEU A 280 31.60 0.25 -14.03
C LEU A 280 31.93 0.61 -15.48
N ILE A 281 33.03 0.09 -16.01
CA ILE A 281 33.36 0.23 -17.43
C ILE A 281 33.90 -1.11 -17.91
N ASN A 282 33.90 -1.29 -19.22
CA ASN A 282 34.32 -2.55 -19.84
C ASN A 282 33.79 -3.73 -19.04
N PHE A 283 32.45 -3.75 -18.94
CA PHE A 283 31.66 -4.88 -18.52
C PHE A 283 30.71 -5.24 -19.64
N GLY A 284 30.30 -6.49 -19.70
CA GLY A 284 29.35 -6.82 -20.74
C GLY A 284 29.99 -7.51 -21.92
N ILE A 285 29.63 -7.10 -23.14
CA ILE A 285 30.10 -7.77 -24.35
C ILE A 285 30.70 -6.69 -25.27
N TYR A 286 31.96 -6.34 -25.03
CA TYR A 286 32.69 -5.32 -25.77
C TYR A 286 33.74 -5.96 -26.67
N LYS A 287 34.21 -5.19 -27.66
CA LYS A 287 35.38 -5.59 -28.43
C LYS A 287 36.63 -5.04 -27.76
N ARG A 288 37.64 -5.89 -27.66
CA ARG A 288 38.80 -5.64 -26.84
C ARG A 288 39.88 -5.13 -27.77
N ILE A 289 40.68 -4.17 -27.29
CA ILE A 289 41.74 -3.60 -28.11
C ILE A 289 43.01 -4.39 -27.89
N LYS A 290 43.47 -4.43 -26.64
CA LYS A 290 44.52 -5.35 -26.21
C LYS A 290 43.93 -6.76 -26.10
N PRO A 291 44.21 -7.68 -27.03
CA PRO A 291 43.67 -9.04 -26.87
C PRO A 291 44.23 -9.69 -25.60
N LEU A 292 43.63 -10.82 -25.26
CA LEU A 292 43.72 -11.35 -23.90
C LEU A 292 45.14 -11.79 -23.55
N PRO A 293 45.62 -11.48 -22.30
CA PRO A 293 46.85 -12.10 -21.79
C PRO A 293 46.99 -13.57 -22.14
N THR A 294 48.20 -13.91 -22.62
CA THR A 294 48.41 -15.23 -23.20
C THR A 294 48.31 -16.33 -22.14
N LYS A 295 48.92 -16.11 -20.97
CA LYS A 295 48.86 -17.04 -19.86
C LYS A 295 48.15 -16.38 -18.69
N LYS A 296 47.34 -17.21 -18.03
CA LYS A 296 46.40 -16.76 -16.99
C LYS A 296 46.99 -16.90 -15.60
N THR A 297 46.29 -16.41 -14.59
CA THR A 297 46.78 -16.49 -13.20
C THR A 297 45.61 -16.84 -12.31
N GLY A 298 45.65 -17.95 -11.58
CA GLY A 298 44.54 -18.27 -10.67
C GLY A 298 43.44 -19.07 -11.32
N LYS A 299 42.86 -20.00 -10.59
CA LYS A 299 41.76 -20.80 -11.20
C LYS A 299 40.50 -20.62 -10.38
N VAL A 300 39.42 -20.17 -11.01
CA VAL A 300 38.13 -19.98 -10.29
C VAL A 300 37.08 -20.88 -10.88
N ILE A 301 36.39 -21.57 -10.00
CA ILE A 301 35.22 -22.36 -10.36
C ILE A 301 33.99 -21.57 -9.99
N ILE A 302 33.07 -21.45 -10.96
CA ILE A 302 31.83 -20.70 -10.82
C ILE A 302 30.66 -21.68 -10.88
N ILE A 303 29.99 -21.85 -9.75
CA ILE A 303 28.82 -22.72 -9.67
C ILE A 303 27.61 -21.96 -10.22
N GLY A 304 27.14 -22.36 -11.40
CA GLY A 304 25.93 -21.81 -11.96
C GLY A 304 26.20 -20.89 -13.12
N SER A 305 25.50 -21.07 -14.24
CA SER A 305 25.74 -20.20 -15.38
C SER A 305 24.51 -19.35 -15.69
N GLY A 306 23.77 -18.98 -14.64
CA GLY A 306 22.82 -17.90 -14.77
C GLY A 306 23.54 -16.57 -14.74
N VAL A 307 22.77 -15.52 -15.01
CA VAL A 307 23.34 -14.24 -15.42
C VAL A 307 24.41 -13.76 -14.44
N SER A 308 24.19 -13.92 -13.13
CA SER A 308 25.25 -13.53 -12.20
C SER A 308 26.52 -14.33 -12.48
N GLY A 309 26.40 -15.65 -12.59
CA GLY A 309 27.54 -16.47 -12.92
C GLY A 309 28.23 -15.99 -14.17
N LEU A 310 27.47 -15.90 -15.27
CA LEU A 310 28.02 -15.47 -16.55
C LEU A 310 28.74 -14.15 -16.42
N ALA A 311 28.20 -13.25 -15.61
CA ALA A 311 28.72 -11.90 -15.63
C ALA A 311 30.03 -11.82 -14.88
N ALA A 312 30.15 -12.54 -13.77
CA ALA A 312 31.45 -12.69 -13.11
C ALA A 312 32.43 -13.38 -14.04
N ALA A 313 32.09 -14.61 -14.47
CA ALA A 313 32.98 -15.39 -15.34
C ALA A 313 33.60 -14.52 -16.42
N ARG A 314 32.76 -13.74 -17.09
CA ARG A 314 33.24 -12.93 -18.20
C ARG A 314 34.17 -11.82 -17.71
N GLN A 315 33.92 -11.30 -16.49
CA GLN A 315 34.81 -10.30 -15.90
C GLN A 315 36.11 -10.93 -15.39
N LEU A 316 36.03 -12.12 -14.79
CA LEU A 316 37.25 -12.74 -14.28
C LEU A 316 38.17 -13.08 -15.43
N GLN A 317 37.65 -13.79 -16.45
CA GLN A 317 38.40 -13.96 -17.68
C GLN A 317 38.82 -12.61 -18.27
N SER A 318 37.96 -11.59 -18.21
CA SER A 318 38.37 -10.25 -18.59
C SER A 318 39.69 -9.84 -17.93
N PHE A 319 39.93 -10.31 -16.71
CA PHE A 319 41.02 -9.86 -15.86
C PHE A 319 42.22 -10.80 -15.89
N GLY A 320 42.23 -11.75 -16.81
CA GLY A 320 43.30 -12.71 -16.89
C GLY A 320 43.21 -13.88 -15.94
N MET A 321 42.02 -14.29 -15.54
CA MET A 321 41.95 -15.46 -14.66
C MET A 321 41.47 -16.64 -15.48
N ASP A 322 41.57 -17.82 -14.88
CA ASP A 322 41.07 -19.05 -15.48
C ASP A 322 39.72 -19.39 -14.86
N VAL A 323 38.67 -19.36 -15.68
CA VAL A 323 37.32 -19.58 -15.15
C VAL A 323 36.70 -20.78 -15.84
N THR A 324 36.11 -21.65 -15.02
CA THR A 324 35.18 -22.68 -15.50
C THR A 324 33.87 -22.54 -14.74
N LEU A 325 32.77 -22.67 -15.46
CA LEU A 325 31.42 -22.62 -14.87
C LEU A 325 30.81 -24.01 -14.90
N LEU A 326 30.18 -24.41 -13.81
CA LEU A 326 29.50 -25.71 -13.73
C LEU A 326 28.01 -25.41 -13.72
N GLU A 327 27.26 -26.03 -14.62
CA GLU A 327 25.83 -25.76 -14.80
C GLU A 327 25.05 -27.06 -14.73
N ALA A 328 24.00 -27.12 -13.94
CA ALA A 328 23.22 -28.36 -13.80
C ALA A 328 22.32 -28.52 -15.00
N ARG A 329 21.83 -27.42 -15.54
CA ARG A 329 20.93 -27.47 -16.69
C ARG A 329 21.72 -27.76 -17.96
N ASP A 330 20.96 -28.10 -19.01
CA ASP A 330 21.48 -28.21 -20.36
C ASP A 330 21.49 -26.87 -21.10
N ARG A 331 21.40 -25.76 -20.37
CA ARG A 331 21.42 -24.46 -21.03
C ARG A 331 21.92 -23.40 -20.04
N VAL A 332 22.33 -22.29 -20.60
CA VAL A 332 22.74 -21.14 -19.78
C VAL A 332 21.53 -20.27 -19.49
N GLY A 333 21.70 -19.29 -18.63
CA GLY A 333 20.66 -18.30 -18.30
C GLY A 333 19.93 -18.65 -17.04
N GLY A 334 19.94 -19.91 -16.64
CA GLY A 334 19.27 -20.23 -15.36
C GLY A 334 17.82 -19.81 -15.39
N ARG A 335 17.49 -18.88 -14.53
CA ARG A 335 16.12 -18.32 -14.37
C ARG A 335 15.73 -17.38 -15.50
N VAL A 336 16.63 -17.02 -16.41
CA VAL A 336 16.23 -16.28 -17.63
C VAL A 336 15.97 -17.37 -18.65
N ALA A 337 14.78 -17.95 -18.63
CA ALA A 337 14.41 -19.05 -19.53
C ALA A 337 13.50 -18.51 -20.61
N THR A 338 13.71 -18.93 -21.85
CA THR A 338 12.90 -18.47 -22.97
C THR A 338 12.40 -19.67 -23.75
N PHE A 339 11.10 -19.77 -23.86
CA PHE A 339 10.53 -20.90 -24.63
C PHE A 339 10.57 -20.55 -26.10
N ARG A 340 11.04 -21.45 -26.94
CA ARG A 340 11.07 -21.17 -28.38
C ARG A 340 10.55 -22.40 -29.10
N LYS A 341 9.57 -22.19 -29.95
CA LYS A 341 9.03 -23.31 -30.75
C LYS A 341 8.62 -22.72 -32.08
N GLY A 342 9.23 -23.23 -33.14
CA GLY A 342 8.88 -22.74 -34.47
C GLY A 342 9.04 -21.24 -34.59
N ASN A 343 7.97 -20.52 -34.33
CA ASN A 343 8.02 -19.06 -34.55
C ASN A 343 7.56 -18.33 -33.29
N TYR A 344 7.19 -19.09 -32.28
CA TYR A 344 6.72 -18.50 -31.01
C TYR A 344 7.93 -18.34 -30.08
N VAL A 345 8.03 -17.20 -29.40
CA VAL A 345 9.11 -16.97 -28.42
C VAL A 345 8.46 -16.37 -27.18
N ALA A 346 8.70 -16.94 -26.02
CA ALA A 346 8.04 -16.37 -24.84
C ALA A 346 8.90 -16.64 -23.63
N ASP A 347 9.02 -15.69 -22.71
CA ASP A 347 9.90 -15.93 -21.55
C ASP A 347 9.12 -16.53 -20.41
N LEU A 348 9.58 -17.65 -19.89
CA LEU A 348 8.99 -18.29 -18.69
C LEU A 348 9.70 -17.77 -17.45
N GLY A 349 10.75 -17.01 -17.64
CA GLY A 349 11.56 -16.43 -16.56
C GLY A 349 11.41 -14.95 -16.58
N ALA A 350 12.47 -14.22 -16.37
CA ALA A 350 12.33 -12.75 -16.41
C ALA A 350 12.01 -12.32 -17.83
N MET A 351 11.14 -11.34 -17.96
CA MET A 351 10.78 -10.87 -19.31
C MET A 351 10.64 -9.37 -19.29
N VAL A 352 10.97 -8.70 -18.22
CA VAL A 352 10.74 -7.24 -18.24
C VAL A 352 12.03 -6.56 -17.83
N VAL A 353 12.36 -5.43 -18.45
CA VAL A 353 13.54 -4.61 -18.08
C VAL A 353 12.92 -3.47 -17.30
N THR A 354 13.23 -3.33 -16.03
CA THR A 354 12.46 -2.39 -15.22
C THR A 354 12.95 -0.96 -15.37
N GLY A 355 13.14 -0.53 -16.61
CA GLY A 355 13.42 0.88 -16.90
C GLY A 355 14.88 1.09 -17.17
N LEU A 356 15.24 1.96 -18.10
CA LEU A 356 16.66 2.11 -18.47
C LEU A 356 17.38 3.20 -17.67
N GLY A 357 16.78 3.68 -16.58
CA GLY A 357 17.28 4.88 -15.94
C GLY A 357 18.32 4.65 -14.88
N GLY A 358 19.54 4.38 -15.30
CA GLY A 358 20.57 3.90 -14.41
C GLY A 358 20.61 2.38 -14.31
N ASN A 359 20.00 1.71 -15.21
CA ASN A 359 19.99 0.27 -15.30
C ASN A 359 21.20 -0.21 -16.10
N PRO A 360 22.05 -1.08 -15.54
CA PRO A 360 23.14 -1.66 -16.34
C PRO A 360 22.68 -2.40 -17.57
N MET A 361 21.42 -2.87 -17.59
CA MET A 361 20.92 -3.53 -18.79
C MET A 361 20.84 -2.59 -19.97
N ALA A 362 20.74 -1.27 -19.71
CA ALA A 362 20.83 -0.30 -20.78
C ALA A 362 22.11 -0.50 -21.59
N VAL A 363 23.25 -0.66 -20.90
CA VAL A 363 24.52 -0.88 -21.57
C VAL A 363 24.49 -2.21 -22.31
N VAL A 364 23.91 -3.24 -21.71
CA VAL A 364 23.92 -4.56 -22.32
C VAL A 364 23.08 -4.56 -23.59
N SER A 365 21.95 -3.85 -23.58
CA SER A 365 21.07 -3.77 -24.73
C SER A 365 21.68 -3.02 -25.91
N LYS A 366 22.61 -2.09 -25.65
CA LYS A 366 23.33 -1.50 -26.78
C LYS A 366 24.36 -2.48 -27.32
N GLN A 367 24.85 -3.40 -26.49
CA GLN A 367 25.89 -4.35 -26.89
C GLN A 367 25.32 -5.54 -27.66
N VAL A 368 24.15 -6.03 -27.25
CA VAL A 368 23.50 -7.19 -27.87
C VAL A 368 22.16 -6.76 -28.47
N ASN A 369 21.81 -7.33 -29.61
CA ASN A 369 20.54 -6.96 -30.27
C ASN A 369 19.35 -7.42 -29.44
N MET A 370 18.97 -6.63 -28.45
CA MET A 370 17.73 -6.98 -27.73
C MET A 370 16.69 -6.08 -28.38
N GLU A 371 15.56 -6.63 -28.78
CA GLU A 371 14.55 -5.73 -29.34
C GLU A 371 13.64 -5.37 -28.18
N LEU A 372 13.79 -4.17 -27.64
CA LEU A 372 13.04 -3.72 -26.44
C LEU A 372 11.78 -2.98 -26.87
N ALA A 373 10.65 -3.31 -26.25
CA ALA A 373 9.35 -2.70 -26.61
C ALA A 373 8.70 -2.15 -25.35
N LYS A 374 8.31 -0.89 -25.37
CA LYS A 374 7.71 -0.24 -24.18
C LYS A 374 6.40 -0.91 -23.82
N ILE A 375 6.11 -0.99 -22.53
CA ILE A 375 4.87 -1.66 -22.06
C ILE A 375 3.88 -0.58 -21.60
N LYS A 376 2.72 -0.53 -22.26
CA LYS A 376 1.67 0.47 -21.98
C LYS A 376 0.91 0.04 -20.73
N GLN A 377 0.81 0.93 -19.76
CA GLN A 377 0.25 0.61 -18.42
C GLN A 377 -1.25 0.39 -18.42
N LYS A 378 -1.97 0.70 -19.48
CA LYS A 378 -3.43 0.50 -19.47
C LYS A 378 -3.72 -0.95 -19.13
N CYS A 379 -4.48 -1.19 -18.08
CA CYS A 379 -4.82 -2.58 -17.70
C CYS A 379 -6.28 -2.63 -17.31
N PRO A 380 -7.20 -2.99 -18.22
CA PRO A 380 -8.58 -3.10 -17.86
C PRO A 380 -8.82 -4.38 -17.06
N LEU A 381 -9.62 -4.29 -16.01
CA LEU A 381 -9.96 -5.42 -15.12
C LEU A 381 -11.30 -5.98 -15.55
N TYR A 382 -11.43 -7.30 -15.55
CA TYR A 382 -12.66 -7.97 -15.96
C TYR A 382 -13.04 -8.93 -14.85
N GLU A 383 -14.24 -8.77 -14.30
CA GLU A 383 -14.69 -9.57 -13.17
C GLU A 383 -14.94 -11.00 -13.59
N ALA A 384 -15.36 -11.84 -12.65
CA ALA A 384 -15.55 -13.25 -12.97
C ALA A 384 -16.73 -13.49 -13.93
N ASN A 385 -17.70 -12.58 -13.98
CA ASN A 385 -18.78 -12.72 -14.95
C ASN A 385 -18.24 -12.72 -16.37
N GLY A 386 -17.26 -11.86 -16.65
CA GLY A 386 -16.66 -11.77 -17.95
C GLY A 386 -16.70 -10.37 -18.55
N GLN A 387 -16.95 -9.36 -17.71
CA GLN A 387 -17.18 -8.02 -18.25
C GLN A 387 -16.49 -6.98 -17.41
N ALA A 388 -16.20 -5.85 -18.06
CA ALA A 388 -15.27 -4.88 -17.51
C ALA A 388 -15.75 -4.32 -16.17
N VAL A 389 -14.79 -4.03 -15.32
CA VAL A 389 -15.18 -3.30 -14.12
C VAL A 389 -15.39 -1.88 -14.62
N PRO A 390 -16.47 -1.19 -14.22
CA PRO A 390 -16.71 0.16 -14.68
C PRO A 390 -15.62 1.10 -14.17
N LYS A 391 -15.34 2.15 -14.91
CA LYS A 391 -14.22 3.05 -14.57
C LYS A 391 -14.37 3.65 -13.16
N GLU A 392 -15.57 4.00 -12.72
CA GLU A 392 -15.65 4.57 -11.35
C GLU A 392 -15.19 3.53 -10.35
N LYS A 393 -15.61 2.28 -10.51
CA LYS A 393 -15.21 1.23 -9.54
C LYS A 393 -13.69 1.07 -9.59
N ASP A 394 -13.14 1.05 -10.80
CA ASP A 394 -11.71 0.78 -10.98
C ASP A 394 -10.93 1.85 -10.23
N GLU A 395 -11.27 3.09 -10.43
CA GLU A 395 -10.54 4.15 -9.73
C GLU A 395 -10.84 4.09 -8.24
N MET A 396 -12.06 3.76 -7.86
CA MET A 396 -12.34 3.76 -6.42
C MET A 396 -11.47 2.71 -5.72
N VAL A 397 -11.38 1.50 -6.26
CA VAL A 397 -10.61 0.49 -5.48
C VAL A 397 -9.13 0.82 -5.52
N GLU A 398 -8.61 1.10 -6.71
CA GLU A 398 -7.20 1.42 -6.88
C GLU A 398 -6.75 2.47 -5.86
N GLN A 399 -7.51 3.57 -5.76
CA GLN A 399 -7.20 4.59 -4.76
C GLN A 399 -7.28 4.04 -3.34
N GLU A 400 -8.26 3.19 -3.06
CA GLU A 400 -8.34 2.64 -1.71
C GLU A 400 -7.14 1.75 -1.44
N PHE A 401 -6.78 0.94 -2.42
CA PHE A 401 -5.57 0.12 -2.33
C PHE A 401 -4.36 0.98 -1.98
N ASN A 402 -4.08 1.99 -2.80
CA ASN A 402 -2.88 2.78 -2.56
C ASN A 402 -2.95 3.48 -1.23
N ARG A 403 -4.16 3.88 -0.81
CA ARG A 403 -4.32 4.50 0.50
C ARG A 403 -4.07 3.47 1.59
N LEU A 404 -4.58 2.25 1.38
CA LEU A 404 -4.33 1.15 2.30
C LEU A 404 -2.83 0.89 2.49
N LEU A 405 -2.06 0.89 1.40
CA LEU A 405 -0.61 0.71 1.52
C LEU A 405 0.03 1.79 2.39
N GLU A 406 -0.26 3.07 2.10
CA GLU A 406 0.31 4.13 2.95
C GLU A 406 -0.09 3.96 4.40
N ALA A 407 -1.29 3.42 4.65
CA ALA A 407 -1.70 3.19 6.03
C ALA A 407 -0.79 2.17 6.72
N THR A 408 -0.50 1.04 6.05
CA THR A 408 0.46 0.08 6.62
C THR A 408 1.77 0.75 6.92
N SER A 409 2.24 1.59 5.98
CA SER A 409 3.48 2.33 6.19
C SER A 409 3.39 3.20 7.44
N TYR A 410 2.24 3.80 7.63
CA TYR A 410 2.03 4.68 8.79
C TYR A 410 2.07 3.82 10.06
N LEU A 411 1.40 2.69 9.98
CA LEU A 411 1.37 1.76 11.13
C LEU A 411 2.79 1.31 11.43
N SER A 412 3.61 1.16 10.42
CA SER A 412 4.97 0.68 10.60
C SER A 412 5.81 1.74 11.28
N HIS A 413 5.95 2.89 10.63
CA HIS A 413 6.95 3.89 10.97
C HIS A 413 6.48 4.86 12.04
N GLN A 414 5.18 5.13 12.12
CA GLN A 414 4.64 6.11 13.05
C GLN A 414 4.05 5.51 14.32
N LEU A 415 3.60 4.25 14.30
CA LEU A 415 3.06 3.61 15.48
C LEU A 415 3.90 2.45 16.02
N ASP A 416 5.08 2.20 15.42
CA ASP A 416 5.95 1.05 15.66
C ASP A 416 5.17 -0.25 15.87
N PHE A 417 4.11 -0.46 15.08
CA PHE A 417 3.36 -1.71 15.08
C PHE A 417 4.20 -2.75 14.33
N ASN A 418 5.21 -3.30 14.99
CA ASN A 418 6.10 -4.19 14.20
C ASN A 418 6.25 -5.55 14.85
N VAL A 419 5.86 -5.69 16.09
CA VAL A 419 5.93 -7.05 16.67
C VAL A 419 4.58 -7.36 17.29
N LEU A 420 3.99 -8.49 16.96
CA LEU A 420 2.69 -8.82 17.55
C LEU A 420 2.80 -10.20 18.16
N ASN A 421 2.59 -10.33 19.46
CA ASN A 421 2.66 -11.64 20.16
C ASN A 421 4.03 -12.29 19.94
N ASN A 422 5.10 -11.51 20.00
CA ASN A 422 6.53 -11.95 19.89
C ASN A 422 6.90 -12.40 18.49
N LYS A 423 6.10 -12.10 17.49
CA LYS A 423 6.41 -12.50 16.11
C LYS A 423 6.37 -11.22 15.29
N PRO A 424 7.22 -11.05 14.28
CA PRO A 424 7.21 -9.85 13.50
C PRO A 424 5.91 -9.70 12.75
N VAL A 425 5.43 -8.47 12.63
CA VAL A 425 4.20 -8.21 11.87
C VAL A 425 4.53 -8.31 10.39
N SER A 426 3.61 -8.82 9.60
CA SER A 426 3.84 -8.88 8.14
C SER A 426 2.96 -7.86 7.44
N LEU A 427 3.18 -7.67 6.16
CA LEU A 427 2.36 -6.75 5.39
C LEU A 427 0.90 -7.19 5.44
N GLY A 428 0.66 -8.48 5.20
CA GLY A 428 -0.70 -9.00 5.23
C GLY A 428 -1.41 -8.75 6.54
N GLN A 429 -0.80 -9.13 7.67
CA GLN A 429 -1.38 -8.83 8.98
C GLN A 429 -1.81 -7.37 9.06
N ALA A 430 -0.89 -6.46 8.71
CA ALA A 430 -1.14 -5.03 8.86
C ALA A 430 -2.15 -4.52 7.85
N LEU A 431 -2.32 -5.18 6.70
CA LEU A 431 -3.44 -4.80 5.85
C LEU A 431 -4.77 -5.20 6.47
N GLU A 432 -4.86 -6.39 7.05
CA GLU A 432 -6.06 -6.74 7.80
C GLU A 432 -6.37 -5.67 8.86
N VAL A 433 -5.40 -5.40 9.74
CA VAL A 433 -5.64 -4.46 10.82
C VAL A 433 -6.00 -3.08 10.31
N VAL A 434 -5.54 -2.70 9.12
CA VAL A 434 -5.97 -1.42 8.57
C VAL A 434 -7.41 -1.53 8.06
N ILE A 435 -7.72 -2.61 7.35
CA ILE A 435 -9.08 -2.79 6.88
C ILE A 435 -10.06 -2.92 8.03
N GLN A 436 -9.72 -3.71 9.05
CA GLN A 436 -10.61 -3.82 10.20
C GLN A 436 -10.90 -2.46 10.83
N LEU A 437 -9.88 -1.65 11.06
CA LEU A 437 -10.08 -0.31 11.61
C LEU A 437 -10.81 0.65 10.67
N GLN A 438 -10.95 0.33 9.38
CA GLN A 438 -11.83 1.16 8.57
C GLN A 438 -13.27 0.68 8.70
N GLU A 439 -13.48 -0.63 8.67
CA GLU A 439 -14.78 -1.19 8.99
C GLU A 439 -15.24 -0.76 10.38
N LYS A 440 -14.32 -0.69 11.34
CA LYS A 440 -14.79 -0.27 12.67
C LYS A 440 -15.12 1.20 12.60
N HIS A 441 -14.41 1.97 11.80
CA HIS A 441 -14.74 3.41 11.80
C HIS A 441 -16.14 3.59 11.25
N VAL A 442 -16.45 2.90 10.16
CA VAL A 442 -17.78 3.02 9.52
C VAL A 442 -18.88 2.76 10.53
N LYS A 443 -18.77 1.68 11.30
CA LYS A 443 -19.80 1.37 12.30
C LYS A 443 -19.82 2.50 13.31
N ASP A 444 -18.66 2.93 13.77
CA ASP A 444 -18.57 4.01 14.77
C ASP A 444 -19.26 5.28 14.26
N GLU A 445 -19.07 5.62 13.00
CA GLU A 445 -19.70 6.83 12.46
C GLU A 445 -21.19 6.59 12.28
N GLN A 446 -21.59 5.41 11.83
CA GLN A 446 -23.04 5.15 11.66
C GLN A 446 -23.69 5.31 13.02
N ILE A 447 -23.13 4.66 14.02
CA ILE A 447 -23.65 4.73 15.41
C ILE A 447 -23.76 6.17 15.89
N GLU A 448 -22.81 7.04 15.58
CA GLU A 448 -22.91 8.44 16.06
C GLU A 448 -24.01 9.19 15.29
N HIS A 449 -24.30 8.80 14.08
CA HIS A 449 -25.34 9.52 13.30
C HIS A 449 -26.68 9.26 13.95
N TRP A 450 -27.03 8.00 14.11
CA TRP A 450 -28.32 7.63 14.68
C TRP A 450 -28.45 8.07 16.13
N LYS A 451 -27.35 8.11 16.90
CA LYS A 451 -27.47 8.67 18.24
C LYS A 451 -27.80 10.16 18.25
N LYS A 452 -27.76 10.85 17.12
CA LYS A 452 -28.30 12.21 17.06
C LYS A 452 -29.76 12.23 16.67
N ILE A 453 -30.19 11.28 15.86
CA ILE A 453 -31.61 11.15 15.64
C ILE A 453 -32.33 10.90 16.97
N VAL A 454 -31.85 9.94 17.77
CA VAL A 454 -32.58 9.63 19.00
C VAL A 454 -32.56 10.80 19.96
N LYS A 455 -31.44 11.50 20.05
CA LYS A 455 -31.35 12.58 21.00
C LYS A 455 -32.23 13.75 20.54
N THR A 456 -32.68 13.75 19.26
CA THR A 456 -33.64 14.71 18.72
C THR A 456 -35.07 14.17 18.69
N GLN A 457 -35.29 12.94 18.22
CA GLN A 457 -36.56 12.27 18.43
C GLN A 457 -37.02 12.35 19.87
N GLU A 458 -36.09 12.52 20.81
CA GLU A 458 -36.48 12.64 22.20
C GLU A 458 -36.63 14.06 22.69
N GLU A 459 -36.07 15.07 22.02
CA GLU A 459 -36.45 16.44 22.36
C GLU A 459 -37.87 16.68 21.87
N LEU A 460 -38.16 16.17 20.66
CA LEU A 460 -39.50 16.18 20.10
C LEU A 460 -40.49 15.46 21.02
N LYS A 461 -40.14 14.26 21.46
CA LYS A 461 -41.00 13.53 22.40
C LYS A 461 -41.32 14.38 23.62
N GLU A 462 -40.31 14.94 24.26
CA GLU A 462 -40.55 15.79 25.44
C GLU A 462 -41.33 17.05 25.06
N LEU A 463 -41.15 17.54 23.84
CA LEU A 463 -41.88 18.71 23.40
C LEU A 463 -43.36 18.39 23.18
N LEU A 464 -43.65 17.26 22.55
CA LEU A 464 -45.06 16.93 22.31
C LEU A 464 -45.78 16.70 23.63
N ASN A 465 -45.11 16.07 24.60
CA ASN A 465 -45.72 15.90 25.91
C ASN A 465 -46.09 17.25 26.52
N LYS A 466 -45.18 18.21 26.43
CA LYS A 466 -45.49 19.54 26.94
C LYS A 466 -46.59 20.23 26.12
N MET A 467 -46.84 19.81 24.89
CA MET A 467 -47.91 20.39 24.09
C MET A 467 -49.24 19.63 24.20
N VAL A 468 -49.16 18.34 24.44
CA VAL A 468 -50.45 17.62 24.61
C VAL A 468 -51.03 18.10 25.93
N ASN A 469 -50.18 18.35 26.91
CA ASN A 469 -50.65 18.86 28.21
C ASN A 469 -51.16 20.29 28.03
N LEU A 470 -50.49 21.07 27.20
CA LEU A 470 -50.96 22.45 27.04
C LEU A 470 -52.32 22.45 26.36
N LYS A 471 -52.50 21.67 25.31
CA LYS A 471 -53.82 21.64 24.63
C LYS A 471 -54.88 21.25 25.65
N GLU A 472 -54.61 20.23 26.46
CA GLU A 472 -55.63 19.84 27.46
C GLU A 472 -55.82 21.00 28.43
N LYS A 473 -54.77 21.69 28.85
CA LYS A 473 -54.98 22.82 29.77
C LYS A 473 -55.80 23.90 29.07
N ILE A 474 -55.50 24.16 27.80
CA ILE A 474 -56.25 25.17 27.02
C ILE A 474 -57.69 24.73 26.85
N LYS A 475 -57.94 23.44 26.70
CA LYS A 475 -59.34 23.00 26.53
C LYS A 475 -60.17 23.43 27.73
N GLU A 476 -59.68 23.18 28.91
CA GLU A 476 -60.39 23.52 30.15
C GLU A 476 -60.54 25.03 30.24
N LEU A 477 -59.51 25.77 29.89
CA LEU A 477 -59.60 27.24 30.04
C LEU A 477 -60.70 27.79 29.16
N HIS A 478 -60.83 27.28 27.96
CA HIS A 478 -61.90 27.78 27.07
C HIS A 478 -63.22 27.59 27.79
N GLN A 479 -63.50 26.37 28.18
CA GLN A 479 -64.80 26.02 28.80
C GLN A 479 -65.02 26.95 29.98
N GLN A 480 -64.00 27.19 30.78
CA GLN A 480 -64.19 28.12 31.92
C GLN A 480 -64.54 29.49 31.36
N TYR A 481 -63.84 29.96 30.34
CA TYR A 481 -64.17 31.29 29.78
C TYR A 481 -65.54 31.23 29.13
N LYS A 482 -65.86 30.14 28.47
CA LYS A 482 -67.18 30.06 27.83
C LYS A 482 -68.25 30.21 28.90
N GLU A 483 -68.13 29.50 29.98
CA GLU A 483 -69.20 29.59 30.99
C GLU A 483 -69.26 30.99 31.58
N ALA A 484 -68.13 31.63 31.82
CA ALA A 484 -68.10 32.98 32.40
C ALA A 484 -68.74 33.96 31.44
N SER A 485 -68.50 33.80 30.16
CA SER A 485 -69.13 34.64 29.13
C SER A 485 -70.63 34.38 29.06
N GLU A 486 -71.08 33.17 29.34
CA GLU A 486 -72.53 32.88 29.26
C GLU A 486 -73.32 33.71 30.26
N VAL A 487 -72.79 33.98 31.45
CA VAL A 487 -73.57 34.80 32.41
C VAL A 487 -73.79 36.12 31.69
N LYS A 488 -75.02 36.49 31.48
CA LYS A 488 -75.29 37.70 30.68
C LYS A 488 -75.19 38.94 31.54
N PRO A 489 -74.83 40.07 30.94
CA PRO A 489 -74.70 41.32 31.63
C PRO A 489 -76.09 41.87 31.97
N PRO A 490 -76.22 42.68 33.03
CA PRO A 490 -75.11 43.48 33.55
C PRO A 490 -74.55 42.69 34.73
N ARG A 491 -73.23 42.63 34.86
CA ARG A 491 -72.69 41.81 35.96
C ARG A 491 -71.96 42.67 36.96
N ASP A 492 -71.67 42.08 38.12
CA ASP A 492 -70.87 42.78 39.14
C ASP A 492 -69.41 42.71 38.74
N ILE A 493 -68.55 43.44 39.40
CA ILE A 493 -67.24 43.57 38.77
C ILE A 493 -66.38 42.32 38.95
N THR A 494 -66.56 41.56 40.04
CA THR A 494 -65.87 40.28 40.15
C THR A 494 -66.22 39.35 38.98
N ALA A 495 -67.48 39.34 38.58
CA ALA A 495 -67.88 38.49 37.47
C ALA A 495 -67.47 39.07 36.12
N GLU A 496 -67.20 40.37 36.03
CA GLU A 496 -66.60 40.91 34.82
C GLU A 496 -65.11 40.69 34.83
N PHE A 497 -64.54 40.67 36.02
CA PHE A 497 -63.10 40.41 36.10
C PHE A 497 -62.86 38.97 35.69
N LEU A 498 -63.76 38.08 36.04
CA LEU A 498 -63.53 36.67 35.69
C LEU A 498 -63.51 36.53 34.19
N VAL A 499 -64.42 37.16 33.49
CA VAL A 499 -64.36 37.00 32.03
C VAL A 499 -63.07 37.62 31.54
N LYS A 500 -62.72 38.80 32.02
CA LYS A 500 -61.48 39.42 31.53
C LYS A 500 -60.28 38.57 31.93
N SER A 501 -60.23 38.11 33.17
CA SER A 501 -59.04 37.36 33.61
C SER A 501 -58.90 36.07 32.83
N LYS A 502 -59.97 35.31 32.65
CA LYS A 502 -59.86 34.01 31.95
C LYS A 502 -59.39 34.28 30.53
N HIS A 503 -59.91 35.31 29.88
CA HIS A 503 -59.49 35.64 28.51
C HIS A 503 -58.02 35.96 28.49
N ARG A 504 -57.53 36.70 29.47
CA ARG A 504 -56.09 36.97 29.43
C ARG A 504 -55.34 35.66 29.59
N ASP A 505 -55.73 34.86 30.56
CA ASP A 505 -54.99 33.61 30.83
C ASP A 505 -55.05 32.71 29.60
N LEU A 506 -56.11 32.76 28.83
CA LEU A 506 -56.19 31.86 27.68
C LEU A 506 -55.32 32.35 26.53
N THR A 507 -55.21 33.66 26.34
CA THR A 507 -54.29 34.17 25.32
C THR A 507 -52.84 33.83 25.67
N ALA A 508 -52.48 33.93 26.96
CA ALA A 508 -51.13 33.58 27.40
C ALA A 508 -50.77 32.13 27.08
N LEU A 509 -51.64 31.20 27.45
CA LEU A 509 -51.48 29.81 27.03
C LEU A 509 -51.65 29.61 25.55
N CYS A 510 -52.17 30.56 24.81
CA CYS A 510 -52.12 30.35 23.38
C CYS A 510 -50.85 30.89 22.77
N LYS A 511 -50.23 31.91 23.39
CA LYS A 511 -48.89 32.34 22.99
C LYS A 511 -47.93 31.16 23.14
N GLU A 512 -47.91 30.60 24.35
CA GLU A 512 -47.05 29.47 24.69
C GLU A 512 -47.17 28.32 23.70
N TYR A 513 -48.39 27.82 23.46
CA TYR A 513 -48.55 26.71 22.51
C TYR A 513 -48.18 27.13 21.10
N ASP A 514 -48.26 28.41 20.78
CA ASP A 514 -47.80 28.80 19.44
C ASP A 514 -46.28 28.78 19.36
N GLU A 515 -45.58 29.30 20.38
CA GLU A 515 -44.12 29.18 20.49
C GLU A 515 -43.63 27.75 20.45
N LEU A 516 -44.48 26.78 20.77
CA LEU A 516 -44.03 25.40 20.86
C LEU A 516 -44.23 24.64 19.56
N ALA A 517 -45.28 24.91 18.79
CA ALA A 517 -45.33 24.31 17.45
C ALA A 517 -44.47 25.08 16.45
N GLU A 518 -43.91 26.22 16.87
CA GLU A 518 -42.73 26.80 16.23
C GLU A 518 -41.51 25.90 16.44
N THR A 519 -41.16 25.67 17.71
CA THR A 519 -40.08 24.77 18.07
C THR A 519 -40.32 23.36 17.52
N GLN A 520 -41.57 22.92 17.42
CA GLN A 520 -41.87 21.63 16.82
C GLN A 520 -41.53 21.59 15.33
N GLY A 521 -41.51 22.74 14.66
CA GLY A 521 -41.16 22.74 13.25
C GLY A 521 -39.67 22.69 13.00
N LYS A 522 -38.86 23.28 13.89
CA LYS A 522 -37.42 23.29 13.69
C LYS A 522 -36.81 21.91 13.93
N LEU A 523 -37.36 21.17 14.87
CA LEU A 523 -36.93 19.83 15.22
C LEU A 523 -37.57 18.77 14.35
N GLU A 524 -38.62 19.15 13.65
CA GLU A 524 -39.18 18.18 12.70
C GLU A 524 -38.30 18.29 11.46
N GLU A 525 -37.80 19.49 11.18
CA GLU A 525 -36.92 19.71 10.00
C GLU A 525 -35.58 19.02 10.20
N LYS A 526 -35.02 19.08 11.42
CA LYS A 526 -33.71 18.44 11.65
C LYS A 526 -33.85 16.95 11.42
N LEU A 527 -34.92 16.34 11.90
CA LEU A 527 -35.11 14.90 11.71
C LEU A 527 -35.14 14.59 10.20
N GLN A 528 -35.82 15.39 9.40
CA GLN A 528 -35.81 15.06 7.94
C GLN A 528 -34.39 15.28 7.42
N GLU A 529 -33.75 16.36 7.82
CA GLU A 529 -32.39 16.64 7.28
C GLU A 529 -31.41 15.57 7.74
N LEU A 530 -31.44 15.18 9.01
CA LEU A 530 -30.47 14.16 9.51
C LEU A 530 -30.72 12.87 8.75
N GLU A 531 -31.97 12.50 8.58
CA GLU A 531 -32.33 11.23 7.92
C GLU A 531 -31.84 11.20 6.47
N ALA A 532 -31.82 12.32 5.78
CA ALA A 532 -31.41 12.31 4.36
C ALA A 532 -29.89 12.27 4.20
N ASN A 533 -29.13 12.57 5.25
CA ASN A 533 -27.67 12.56 5.10
C ASN A 533 -27.04 11.40 5.87
N PRO A 534 -27.31 10.14 5.49
CA PRO A 534 -26.75 9.02 6.24
C PRO A 534 -25.27 8.84 5.88
N PRO A 535 -24.46 8.37 6.81
CA PRO A 535 -23.06 8.07 6.46
C PRO A 535 -22.98 6.80 5.62
N SER A 536 -21.77 6.47 5.17
CA SER A 536 -21.57 5.33 4.29
C SER A 536 -22.09 4.06 4.93
N ASP A 537 -22.73 3.22 4.13
CA ASP A 537 -23.38 2.00 4.62
C ASP A 537 -22.36 0.91 4.90
N VAL A 538 -21.47 0.64 3.94
CA VAL A 538 -20.37 -0.29 4.09
C VAL A 538 -19.04 0.45 3.94
N TYR A 539 -17.98 -0.22 4.38
CA TYR A 539 -16.63 0.19 3.99
C TYR A 539 -16.30 -0.33 2.60
N LEU A 540 -16.38 -1.64 2.42
CA LEU A 540 -16.32 -2.23 1.09
C LEU A 540 -17.32 -3.37 0.99
N SER A 541 -17.98 -3.43 -0.17
CA SER A 541 -18.90 -4.48 -0.54
C SER A 541 -18.15 -5.71 -1.04
N SER A 542 -18.86 -6.82 -1.16
CA SER A 542 -18.22 -8.05 -1.67
C SER A 542 -17.68 -7.77 -3.07
N ARG A 543 -18.38 -6.98 -3.86
CA ARG A 543 -17.83 -6.67 -5.17
C ARG A 543 -16.62 -5.76 -5.00
N ASP A 544 -16.69 -4.78 -4.10
CA ASP A 544 -15.52 -3.87 -4.00
C ASP A 544 -14.34 -4.69 -3.53
N ARG A 545 -14.54 -5.52 -2.51
CA ARG A 545 -13.42 -6.30 -1.94
C ARG A 545 -12.84 -7.25 -2.97
N GLN A 546 -13.64 -7.83 -3.84
CA GLN A 546 -13.03 -8.72 -4.83
C GLN A 546 -12.08 -7.92 -5.72
N ILE A 547 -12.44 -6.72 -6.15
CA ILE A 547 -11.48 -6.00 -7.02
C ILE A 547 -10.25 -5.68 -6.18
N LEU A 548 -10.43 -5.26 -4.94
CA LEU A 548 -9.30 -5.03 -4.06
C LEU A 548 -8.40 -6.26 -4.03
N ASP A 549 -9.01 -7.45 -4.04
CA ASP A 549 -8.20 -8.66 -3.96
C ASP A 549 -7.32 -8.81 -5.18
N TRP A 550 -7.73 -8.26 -6.33
CA TRP A 550 -6.88 -8.32 -7.51
C TRP A 550 -5.66 -7.44 -7.36
N HIS A 551 -5.86 -6.21 -6.88
CA HIS A 551 -4.72 -5.35 -6.57
C HIS A 551 -3.77 -6.00 -5.55
N PHE A 552 -4.28 -6.84 -4.64
CA PHE A 552 -3.38 -7.56 -3.76
C PHE A 552 -2.64 -8.66 -4.53
N ALA A 553 -3.33 -9.39 -5.40
CA ALA A 553 -2.60 -10.36 -6.21
C ALA A 553 -1.46 -9.70 -6.95
N ASN A 554 -1.70 -8.53 -7.55
CA ASN A 554 -0.60 -7.85 -8.25
C ASN A 554 0.57 -7.58 -7.31
N LEU A 555 0.29 -7.29 -6.03
CA LEU A 555 1.34 -7.08 -5.05
C LEU A 555 2.00 -8.39 -4.65
N GLU A 556 1.28 -9.49 -4.76
CA GLU A 556 1.86 -10.79 -4.49
C GLU A 556 2.67 -11.27 -5.68
N PHE A 557 2.24 -10.90 -6.88
CA PHE A 557 3.08 -11.05 -8.07
C PHE A 557 4.42 -10.32 -7.96
N ALA A 558 4.41 -9.01 -7.73
CA ALA A 558 5.67 -8.28 -7.74
C ALA A 558 6.66 -8.80 -6.70
N ASN A 559 6.16 -9.42 -5.64
CA ASN A 559 6.99 -9.93 -4.56
C ASN A 559 7.05 -11.45 -4.54
N ALA A 560 6.47 -12.11 -5.54
CA ALA A 560 6.34 -13.56 -5.59
C ALA A 560 6.08 -14.23 -4.25
N THR A 561 5.18 -13.71 -3.42
CA THR A 561 4.89 -14.38 -2.17
C THR A 561 3.57 -13.88 -1.61
N PRO A 562 2.86 -14.71 -0.86
CA PRO A 562 1.72 -14.23 -0.05
C PRO A 562 2.06 -13.05 0.85
N LEU A 563 1.21 -12.01 0.79
CA LEU A 563 1.46 -10.81 1.60
C LEU A 563 1.62 -11.12 3.08
N SER A 564 1.20 -12.29 3.52
CA SER A 564 1.35 -12.69 4.91
C SER A 564 2.78 -13.04 5.26
N THR A 565 3.66 -13.15 4.26
CA THR A 565 5.06 -13.48 4.49
C THR A 565 5.99 -12.29 4.32
N LEU A 566 5.54 -11.21 3.64
CA LEU A 566 6.37 -10.02 3.47
C LEU A 566 6.59 -9.30 4.80
N SER A 567 7.81 -8.89 5.08
CA SER A 567 8.06 -8.09 6.27
C SER A 567 7.34 -6.76 6.15
N LEU A 568 6.54 -6.42 7.16
CA LEU A 568 5.87 -5.13 7.10
C LEU A 568 6.90 -4.01 7.08
N LYS A 569 7.85 -4.05 8.00
CA LYS A 569 8.81 -2.95 8.08
C LYS A 569 9.66 -2.82 6.81
N HIS A 570 10.14 -3.93 6.22
CA HIS A 570 11.19 -3.84 5.21
C HIS A 570 10.82 -4.29 3.80
N TRP A 571 9.60 -4.72 3.53
CA TRP A 571 9.35 -5.34 2.23
C TRP A 571 9.67 -4.42 1.06
N ASP A 572 9.74 -3.13 1.30
CA ASP A 572 9.89 -2.14 0.25
C ASP A 572 11.18 -1.35 0.46
N GLN A 573 12.15 -1.97 1.12
CA GLN A 573 13.40 -1.27 1.36
C GLN A 573 14.22 -1.04 0.09
N ASP A 574 13.92 -1.74 -0.99
CA ASP A 574 14.63 -1.51 -2.24
C ASP A 574 14.01 -0.44 -3.12
N ASP A 575 12.88 0.17 -2.71
CA ASP A 575 12.14 1.02 -3.65
C ASP A 575 12.85 2.35 -3.92
N ASP A 576 13.73 2.79 -3.01
CA ASP A 576 14.48 4.03 -3.26
C ASP A 576 15.36 3.97 -4.51
N PHE A 577 15.74 2.79 -4.96
CA PHE A 577 16.68 2.66 -6.05
C PHE A 577 16.01 2.30 -7.37
N GLU A 578 14.70 2.54 -7.47
CA GLU A 578 13.96 2.26 -8.68
C GLU A 578 14.61 3.01 -9.85
N PHE A 579 14.66 2.35 -11.00
CA PHE A 579 15.12 3.02 -12.20
C PHE A 579 14.02 3.94 -12.74
N THR A 580 14.44 4.94 -13.53
CA THR A 580 13.47 5.80 -14.20
C THR A 580 13.15 5.29 -15.59
N GLY A 581 11.93 5.57 -16.04
CA GLY A 581 11.53 5.29 -17.40
C GLY A 581 10.54 4.15 -17.47
N SER A 582 10.16 3.86 -18.71
CA SER A 582 9.16 2.83 -18.98
C SER A 582 9.73 1.46 -18.63
N HIS A 583 8.84 0.52 -18.39
CA HIS A 583 9.25 -0.87 -18.36
C HIS A 583 9.17 -1.44 -19.78
N LEU A 584 9.98 -2.45 -20.07
CA LEU A 584 10.08 -2.94 -21.44
C LEU A 584 10.05 -4.46 -21.48
N THR A 585 9.63 -4.99 -22.61
CA THR A 585 9.75 -6.42 -22.80
C THR A 585 10.89 -6.67 -23.75
N VAL A 586 11.35 -7.92 -23.74
CA VAL A 586 12.41 -8.36 -24.64
C VAL A 586 11.70 -9.16 -25.72
N ARG A 587 11.40 -8.48 -26.82
CA ARG A 587 10.44 -8.99 -27.79
C ARG A 587 10.98 -10.22 -28.52
N ASN A 588 12.30 -10.39 -28.57
CA ASN A 588 12.89 -11.56 -29.21
C ASN A 588 13.44 -12.56 -28.19
N GLY A 589 12.93 -12.52 -26.96
CA GLY A 589 13.28 -13.54 -25.97
C GLY A 589 14.51 -13.16 -25.17
N TYR A 590 14.37 -13.12 -23.84
CA TYR A 590 15.42 -12.58 -22.98
C TYR A 590 16.60 -13.53 -22.86
N SER A 591 16.49 -14.76 -23.38
CA SER A 591 17.60 -15.69 -23.35
C SER A 591 18.74 -15.24 -24.25
N CYS A 592 18.45 -14.42 -25.25
CA CYS A 592 19.49 -13.93 -26.13
C CYS A 592 20.65 -13.27 -25.38
N VAL A 593 20.41 -12.85 -24.13
CA VAL A 593 21.40 -12.13 -23.32
C VAL A 593 22.32 -13.10 -22.59
N PRO A 594 21.81 -14.06 -21.81
CA PRO A 594 22.70 -15.10 -21.32
C PRO A 594 23.52 -15.72 -22.42
N VAL A 595 22.85 -16.13 -23.50
CA VAL A 595 23.57 -16.78 -24.57
C VAL A 595 24.69 -15.89 -25.08
N ALA A 596 24.42 -14.59 -25.17
CA ALA A 596 25.44 -13.67 -25.65
C ALA A 596 26.61 -13.59 -24.68
N LEU A 597 26.31 -13.55 -23.38
CA LEU A 597 27.37 -13.48 -22.38
C LEU A 597 28.24 -14.74 -22.42
N ALA A 598 27.64 -15.89 -22.65
CA ALA A 598 28.31 -17.19 -22.59
C ALA A 598 29.38 -17.40 -23.66
N GLU A 599 29.43 -16.62 -24.73
CA GLU A 599 30.40 -16.97 -25.75
C GLU A 599 31.81 -16.74 -25.26
N GLY A 600 32.71 -17.64 -25.65
CA GLY A 600 34.09 -17.56 -25.25
C GLY A 600 34.38 -17.98 -23.83
N LEU A 601 33.45 -18.68 -23.20
CA LEU A 601 33.58 -19.09 -21.82
C LEU A 601 33.51 -20.61 -21.67
N ASP A 602 34.23 -21.10 -20.68
CA ASP A 602 34.34 -22.53 -20.40
C ASP A 602 33.16 -22.94 -19.51
N ILE A 603 32.15 -23.54 -20.12
CA ILE A 603 30.92 -23.88 -19.42
C ILE A 603 30.70 -25.38 -19.53
N LYS A 604 30.66 -26.06 -18.39
CA LYS A 604 30.31 -27.48 -18.37
C LYS A 604 28.82 -27.61 -18.13
N LEU A 605 28.05 -28.02 -19.16
CA LEU A 605 26.62 -28.21 -18.93
C LEU A 605 26.33 -29.63 -18.49
N ASN A 606 25.15 -29.82 -17.91
CA ASN A 606 24.74 -31.12 -17.39
C ASN A 606 25.70 -31.60 -16.31
N THR A 607 26.19 -30.65 -15.52
CA THR A 607 27.18 -30.88 -14.47
C THR A 607 26.56 -30.38 -13.17
N ALA A 608 26.06 -31.25 -12.33
CA ALA A 608 25.39 -30.82 -11.10
C ALA A 608 26.40 -30.85 -9.97
N VAL A 609 26.83 -29.68 -9.51
CA VAL A 609 27.68 -29.64 -8.33
C VAL A 609 26.97 -30.32 -7.16
N ARG A 610 27.76 -31.02 -6.34
CA ARG A 610 27.19 -31.84 -5.29
C ARG A 610 27.89 -31.57 -3.95
N GLN A 611 29.15 -31.17 -4.00
CA GLN A 611 29.87 -30.89 -2.77
C GLN A 611 30.91 -29.81 -3.05
N VAL A 612 30.99 -28.82 -2.15
CA VAL A 612 31.99 -27.77 -2.24
C VAL A 612 32.91 -27.91 -1.03
N ARG A 613 34.19 -28.16 -1.31
CA ARG A 613 35.22 -28.37 -0.31
C ARG A 613 36.20 -27.21 -0.38
N TYR A 614 36.30 -26.43 0.70
CA TYR A 614 37.17 -25.27 0.71
C TYR A 614 38.08 -25.38 1.92
N THR A 615 39.39 -25.25 1.68
CA THR A 615 40.42 -25.40 2.69
C THR A 615 41.35 -24.19 2.65
N ALA A 616 42.25 -24.12 3.63
CA ALA A 616 43.19 -23.00 3.66
C ALA A 616 44.08 -22.93 2.43
N SER A 617 44.21 -24.01 1.67
CA SER A 617 45.13 -24.02 0.56
C SER A 617 44.46 -24.09 -0.81
N GLY A 618 43.13 -24.08 -0.86
CA GLY A 618 42.41 -24.13 -2.12
C GLY A 618 41.12 -24.91 -1.98
N CYS A 619 40.51 -25.22 -3.14
CA CYS A 619 39.16 -25.77 -3.15
C CYS A 619 39.06 -26.87 -4.17
N GLU A 620 38.23 -27.85 -3.83
CA GLU A 620 37.75 -28.83 -4.79
C GLU A 620 36.24 -28.88 -4.73
N VAL A 621 35.62 -28.79 -5.90
CA VAL A 621 34.19 -28.96 -6.07
C VAL A 621 34.02 -30.32 -6.72
N ILE A 622 33.12 -31.14 -6.16
CA ILE A 622 32.74 -32.44 -6.70
C ILE A 622 31.38 -32.32 -7.37
N ALA A 623 31.30 -32.61 -8.67
CA ALA A 623 30.04 -32.62 -9.41
C ALA A 623 29.82 -33.95 -10.12
N VAL A 624 28.55 -34.24 -10.43
CA VAL A 624 28.17 -35.42 -11.21
C VAL A 624 27.53 -34.98 -12.52
N ASN A 625 27.37 -35.93 -13.43
CA ASN A 625 26.72 -35.70 -14.70
C ASN A 625 25.22 -35.97 -14.56
N THR A 626 24.40 -34.97 -14.90
CA THR A 626 22.96 -35.05 -14.58
C THR A 626 22.29 -36.23 -15.25
N ARG A 627 22.76 -36.60 -16.44
CA ARG A 627 22.18 -37.69 -17.22
C ARG A 627 22.47 -39.06 -16.59
N SER A 628 23.74 -39.51 -16.56
CA SER A 628 24.13 -40.67 -15.75
C SER A 628 24.89 -40.16 -14.53
N THR A 629 24.24 -40.17 -13.38
CA THR A 629 24.84 -39.58 -12.17
C THR A 629 25.99 -40.42 -11.65
N SER A 630 26.24 -41.59 -12.22
CA SER A 630 27.38 -42.37 -11.71
C SER A 630 28.67 -41.63 -12.02
N GLN A 631 28.78 -41.06 -13.22
CA GLN A 631 30.03 -40.40 -13.62
C GLN A 631 30.27 -39.22 -12.70
N THR A 632 31.43 -39.17 -12.04
CA THR A 632 31.74 -38.16 -11.03
C THR A 632 32.95 -37.36 -11.45
N PHE A 633 32.91 -36.05 -11.25
CA PHE A 633 34.02 -35.14 -11.64
C PHE A 633 34.55 -34.39 -10.44
N ILE A 634 35.80 -33.99 -10.50
CA ILE A 634 36.44 -33.21 -9.41
C ILE A 634 37.15 -32.02 -10.04
N TYR A 635 36.99 -30.85 -9.45
CA TYR A 635 37.52 -29.59 -9.97
C TYR A 635 38.30 -28.90 -8.87
N LYS A 636 39.61 -28.76 -9.07
CA LYS A 636 40.48 -28.06 -8.13
C LYS A 636 40.59 -26.60 -8.55
N CYS A 637 40.67 -25.73 -7.56
CA CYS A 637 40.69 -24.30 -7.88
C CYS A 637 41.11 -23.47 -6.67
N ASP A 638 41.51 -22.22 -6.96
CA ASP A 638 41.87 -21.27 -5.91
C ASP A 638 40.65 -20.75 -5.14
N ALA A 639 39.50 -20.65 -5.81
CA ALA A 639 38.29 -20.06 -5.21
C ALA A 639 37.04 -20.52 -5.94
N VAL A 640 35.97 -20.70 -5.17
CA VAL A 640 34.65 -21.05 -5.68
C VAL A 640 33.74 -19.83 -5.57
N LEU A 641 33.03 -19.53 -6.66
CA LEU A 641 32.02 -18.49 -6.66
C LEU A 641 30.67 -19.16 -6.82
N CYS A 642 29.90 -19.19 -5.74
CA CYS A 642 28.59 -19.81 -5.70
C CYS A 642 27.50 -18.86 -6.22
N THR A 643 26.76 -19.25 -7.29
CA THR A 643 25.56 -18.48 -7.62
C THR A 643 24.32 -19.34 -7.47
N LEU A 644 24.41 -20.39 -6.68
CA LEU A 644 23.30 -21.26 -6.36
C LEU A 644 22.09 -20.43 -5.93
N PRO A 645 20.98 -20.53 -6.64
CA PRO A 645 19.71 -19.93 -6.18
C PRO A 645 19.45 -20.07 -4.70
N LEU A 646 18.89 -19.02 -4.07
CA LEU A 646 18.61 -19.09 -2.63
C LEU A 646 17.70 -20.27 -2.28
N GLY A 647 16.79 -20.63 -3.19
CA GLY A 647 15.98 -21.81 -2.95
C GLY A 647 16.80 -23.08 -2.84
N VAL A 648 17.82 -23.19 -3.69
CA VAL A 648 18.72 -24.35 -3.64
C VAL A 648 19.53 -24.36 -2.34
N LEU A 649 20.07 -23.20 -1.95
CA LEU A 649 20.81 -23.09 -0.69
C LEU A 649 19.93 -23.43 0.49
N LYS A 650 18.62 -23.46 0.30
CA LYS A 650 17.67 -23.64 1.38
C LYS A 650 17.27 -25.10 1.58
N GLN A 651 17.45 -25.97 0.58
CA GLN A 651 17.00 -27.36 0.67
C GLN A 651 17.49 -28.00 1.97
N GLN A 652 16.59 -28.67 2.66
CA GLN A 652 16.89 -29.78 3.54
C GLN A 652 16.18 -31.01 3.02
N PRO A 653 16.91 -32.12 2.78
CA PRO A 653 18.36 -32.14 3.02
C PRO A 653 19.11 -31.50 1.84
N PRO A 654 20.34 -31.10 2.10
CA PRO A 654 21.11 -30.31 1.13
C PRO A 654 21.23 -30.98 -0.22
N ALA A 655 20.94 -30.24 -1.29
CA ALA A 655 21.37 -30.68 -2.62
C ALA A 655 22.85 -30.47 -2.82
N VAL A 656 23.46 -29.54 -2.07
CA VAL A 656 24.88 -29.26 -2.17
C VAL A 656 25.46 -29.15 -0.77
N GLN A 657 26.55 -29.87 -0.54
CA GLN A 657 27.12 -30.05 0.77
C GLN A 657 28.35 -29.17 0.90
N PHE A 658 28.42 -28.40 1.97
CA PHE A 658 29.58 -27.53 2.14
C PHE A 658 30.54 -28.14 3.14
N VAL A 659 31.80 -28.25 2.71
CA VAL A 659 32.85 -28.89 3.51
C VAL A 659 34.00 -27.90 3.67
N PRO A 660 34.15 -27.29 4.84
CA PRO A 660 33.34 -27.52 6.06
C PRO A 660 32.00 -26.80 6.00
N PRO A 661 31.05 -27.15 6.90
CA PRO A 661 29.71 -26.56 6.82
C PRO A 661 29.79 -25.03 6.91
N LEU A 662 28.88 -24.37 6.21
CA LEU A 662 28.79 -22.92 6.28
C LEU A 662 28.55 -22.48 7.72
N PRO A 663 29.18 -21.40 8.17
CA PRO A 663 28.97 -20.91 9.54
C PRO A 663 27.51 -20.55 9.80
N GLU A 664 27.14 -20.55 11.08
CA GLU A 664 25.75 -20.25 11.44
C GLU A 664 25.30 -18.88 10.94
N TRP A 665 26.19 -17.89 10.91
CA TRP A 665 25.72 -16.58 10.50
C TRP A 665 25.25 -16.58 9.06
N LYS A 666 25.87 -17.39 8.20
CA LYS A 666 25.41 -17.49 6.82
C LYS A 666 24.19 -18.41 6.71
N THR A 667 24.18 -19.54 7.42
CA THR A 667 23.03 -20.45 7.33
C THR A 667 21.78 -19.88 8.00
N SER A 668 21.94 -18.95 8.95
CA SER A 668 20.76 -18.33 9.54
C SER A 668 20.17 -17.30 8.62
N ALA A 669 21.02 -16.56 7.91
CA ALA A 669 20.48 -15.67 6.89
C ALA A 669 19.72 -16.45 5.84
N VAL A 670 20.21 -17.65 5.52
CA VAL A 670 19.52 -18.44 4.49
C VAL A 670 18.10 -18.81 4.96
N GLN A 671 17.96 -19.27 6.20
CA GLN A 671 16.63 -19.60 6.71
C GLN A 671 15.73 -18.38 6.83
N ARG A 672 16.29 -17.27 7.34
CA ARG A 672 15.51 -16.07 7.57
C ARG A 672 14.98 -15.49 6.28
N MET A 673 15.78 -15.53 5.20
CA MET A 673 15.26 -14.93 3.99
C MET A 673 14.09 -15.69 3.44
N GLY A 674 13.42 -15.03 2.51
CA GLY A 674 12.29 -15.59 1.82
C GLY A 674 12.66 -15.85 0.38
N PHE A 675 12.21 -16.98 -0.12
CA PHE A 675 12.40 -17.28 -1.52
C PHE A 675 11.02 -17.66 -2.01
N GLY A 676 10.44 -16.81 -2.85
CA GLY A 676 9.07 -16.98 -3.29
C GLY A 676 8.93 -17.69 -4.61
N ASN A 677 7.73 -17.58 -5.17
CA ASN A 677 7.28 -18.40 -6.27
C ASN A 677 6.23 -17.63 -7.06
N LEU A 678 6.37 -17.59 -8.39
CA LEU A 678 5.29 -17.25 -9.29
C LEU A 678 5.56 -17.96 -10.60
N ASN A 679 4.49 -18.34 -11.30
CA ASN A 679 4.58 -19.19 -12.49
C ASN A 679 3.79 -18.59 -13.64
N LYS A 680 4.14 -19.00 -14.85
CA LYS A 680 3.52 -18.45 -16.05
C LYS A 680 2.89 -19.54 -16.90
N VAL A 681 1.82 -19.19 -17.61
CA VAL A 681 1.21 -20.08 -18.60
C VAL A 681 1.29 -19.38 -19.94
N VAL A 682 2.05 -19.95 -20.87
CA VAL A 682 2.12 -19.39 -22.21
C VAL A 682 1.05 -20.06 -23.06
N LEU A 683 0.27 -19.25 -23.78
CA LEU A 683 -0.81 -19.69 -24.65
C LEU A 683 -0.51 -19.23 -26.07
N CYS A 684 -0.37 -20.18 -26.98
CA CYS A 684 0.09 -19.93 -28.33
C CYS A 684 -1.02 -20.18 -29.33
N PHE A 685 -1.49 -19.10 -29.97
CA PHE A 685 -2.68 -19.12 -30.81
C PHE A 685 -2.34 -18.86 -32.27
N ASP A 686 -3.26 -19.26 -33.14
CA ASP A 686 -3.22 -18.90 -34.55
C ASP A 686 -3.85 -17.54 -34.84
N ARG A 687 -4.54 -16.92 -33.87
CA ARG A 687 -5.39 -15.75 -34.14
C ARG A 687 -5.25 -14.72 -33.04
N VAL A 688 -5.08 -13.45 -33.42
CA VAL A 688 -5.14 -12.35 -32.46
C VAL A 688 -6.60 -12.03 -32.18
N PHE A 689 -7.08 -12.34 -30.97
CA PHE A 689 -8.48 -12.14 -30.63
C PHE A 689 -8.71 -11.20 -29.44
N TRP A 690 -7.67 -10.61 -28.90
CA TRP A 690 -7.71 -9.65 -27.81
C TRP A 690 -7.47 -8.27 -28.40
N ASP A 691 -7.37 -7.28 -27.55
CA ASP A 691 -7.04 -5.94 -28.00
C ASP A 691 -5.55 -5.80 -28.32
N PRO A 692 -5.17 -5.71 -29.60
CA PRO A 692 -3.74 -5.59 -29.93
C PRO A 692 -3.06 -4.39 -29.32
N SER A 693 -3.79 -3.45 -28.76
CA SER A 693 -3.20 -2.21 -28.31
C SER A 693 -3.13 -2.13 -26.79
N VAL A 694 -3.60 -3.15 -26.09
CA VAL A 694 -3.49 -3.20 -24.65
C VAL A 694 -2.50 -4.34 -24.34
N ASN A 695 -1.41 -4.00 -23.63
CA ASN A 695 -0.35 -4.99 -23.44
C ASN A 695 -0.71 -5.99 -22.37
N LEU A 696 -1.45 -5.58 -21.35
CA LEU A 696 -1.83 -6.45 -20.26
C LEU A 696 -3.29 -6.19 -19.87
N PHE A 697 -3.94 -7.20 -19.29
CA PHE A 697 -5.30 -7.05 -18.79
C PHE A 697 -5.59 -8.09 -17.73
N GLY A 698 -6.49 -7.74 -16.81
CA GLY A 698 -6.69 -8.52 -15.61
C GLY A 698 -7.92 -9.41 -15.67
N HIS A 699 -7.98 -10.37 -14.74
CA HIS A 699 -9.17 -11.16 -14.46
C HIS A 699 -9.39 -11.13 -12.97
N VAL A 700 -10.60 -10.82 -12.56
CA VAL A 700 -10.81 -10.68 -11.13
C VAL A 700 -11.34 -11.98 -10.58
N GLY A 701 -10.77 -12.39 -9.48
CA GLY A 701 -11.07 -13.70 -8.95
C GLY A 701 -12.28 -13.65 -8.08
N SER A 702 -12.74 -14.86 -7.75
CA SER A 702 -13.98 -15.04 -7.00
C SER A 702 -13.76 -14.94 -5.50
N THR A 703 -12.63 -15.42 -5.02
CA THR A 703 -12.37 -15.54 -3.59
C THR A 703 -11.12 -14.74 -3.27
N THR A 704 -10.96 -14.43 -1.99
CA THR A 704 -9.65 -14.07 -1.49
C THR A 704 -8.67 -15.21 -1.78
N ALA A 705 -9.04 -16.42 -1.41
CA ALA A 705 -8.18 -17.60 -1.52
C ALA A 705 -7.59 -17.80 -2.90
N SER A 706 -8.27 -17.36 -3.95
CA SER A 706 -7.86 -17.66 -5.31
C SER A 706 -7.51 -16.41 -6.10
N ARG A 707 -7.07 -15.36 -5.39
CA ARG A 707 -6.89 -14.07 -6.06
C ARG A 707 -5.73 -14.12 -7.05
N GLY A 708 -4.86 -15.10 -6.91
CA GLY A 708 -3.76 -15.13 -7.87
C GLY A 708 -3.93 -16.11 -9.00
N GLU A 709 -4.98 -16.91 -9.01
CA GLU A 709 -5.03 -17.91 -10.09
C GLU A 709 -5.36 -17.21 -11.39
N LEU A 710 -4.38 -17.13 -12.27
CA LEU A 710 -4.53 -16.54 -13.61
C LEU A 710 -5.20 -15.18 -13.51
N PHE A 711 -4.67 -14.31 -12.68
CA PHE A 711 -5.29 -12.99 -12.48
C PHE A 711 -4.75 -11.94 -13.43
N LEU A 712 -3.80 -12.25 -14.30
CA LEU A 712 -3.25 -11.19 -15.17
C LEU A 712 -2.79 -11.82 -16.48
N PHE A 713 -2.91 -11.12 -17.59
CA PHE A 713 -2.59 -11.62 -18.93
C PHE A 713 -1.70 -10.62 -19.65
N TRP A 714 -0.79 -11.09 -20.51
CA TRP A 714 0.17 -10.21 -21.17
C TRP A 714 0.16 -10.47 -22.67
N ASN A 715 0.04 -9.39 -23.44
CA ASN A 715 0.20 -9.38 -24.89
C ASN A 715 1.48 -8.59 -25.15
N LEU A 716 2.60 -9.30 -25.18
CA LEU A 716 3.88 -8.61 -25.36
C LEU A 716 4.51 -8.87 -26.71
N TYR A 717 4.08 -9.91 -27.41
CA TYR A 717 4.89 -10.50 -28.47
C TYR A 717 4.31 -10.21 -29.84
N LYS A 718 5.24 -10.15 -30.80
CA LYS A 718 4.95 -10.00 -32.22
C LYS A 718 3.89 -11.01 -32.68
N ALA A 719 4.15 -12.29 -32.43
CA ALA A 719 3.22 -13.36 -32.79
C ALA A 719 2.03 -13.36 -31.83
N PRO A 720 0.98 -14.12 -32.16
CA PRO A 720 -0.19 -14.19 -31.28
C PRO A 720 0.03 -14.99 -30.00
N ILE A 721 0.47 -14.33 -28.93
CA ILE A 721 0.83 -15.02 -27.69
C ILE A 721 0.29 -14.25 -26.50
N LEU A 722 -0.53 -14.93 -25.70
CA LEU A 722 -0.95 -14.47 -24.39
C LEU A 722 -0.16 -15.20 -23.33
N LEU A 723 0.09 -14.50 -22.24
CA LEU A 723 0.87 -15.03 -21.14
C LEU A 723 0.09 -14.78 -19.86
N ALA A 724 -0.19 -15.84 -19.11
CA ALA A 724 -1.06 -15.76 -17.93
C ALA A 724 -0.27 -15.99 -16.65
N LEU A 725 -0.43 -15.09 -15.68
CA LEU A 725 0.31 -15.15 -14.42
C LEU A 725 -0.41 -15.95 -13.34
N VAL A 726 0.37 -16.57 -12.46
CA VAL A 726 -0.17 -17.30 -11.31
C VAL A 726 0.62 -16.89 -10.09
N ALA A 727 0.00 -16.11 -9.20
CA ALA A 727 0.71 -15.43 -8.11
C ALA A 727 0.22 -15.93 -6.76
N GLY A 728 0.82 -15.39 -5.71
CA GLY A 728 0.27 -15.53 -4.37
C GLY A 728 0.18 -16.98 -3.94
N GLU A 729 -0.82 -17.29 -3.08
CA GLU A 729 -0.97 -18.67 -2.63
C GLU A 729 -1.36 -19.60 -3.77
N ALA A 730 -1.95 -19.06 -4.84
CA ALA A 730 -2.30 -19.85 -6.01
C ALA A 730 -1.07 -20.52 -6.63
N ALA A 731 0.08 -19.84 -6.60
CA ALA A 731 1.26 -20.31 -7.32
C ALA A 731 1.66 -21.70 -6.88
N GLY A 732 1.83 -21.89 -5.57
CA GLY A 732 2.35 -23.14 -5.07
C GLY A 732 1.38 -24.28 -5.13
N ILE A 733 0.09 -23.98 -5.32
CA ILE A 733 -0.95 -24.98 -5.42
C ILE A 733 -1.20 -25.38 -6.87
N MET A 734 -1.09 -24.44 -7.82
CA MET A 734 -1.27 -24.78 -9.22
C MET A 734 -0.17 -25.69 -9.77
N GLU A 735 0.94 -25.87 -9.07
CA GLU A 735 1.94 -26.77 -9.61
C GLU A 735 1.56 -28.24 -9.41
N ASN A 736 0.52 -28.51 -8.63
CA ASN A 736 -0.03 -29.85 -8.44
C ASN A 736 -1.11 -30.20 -9.45
N ILE A 737 -1.26 -29.42 -10.51
CA ILE A 737 -2.39 -29.57 -11.41
C ILE A 737 -1.88 -29.67 -12.83
N SER A 738 -2.39 -30.66 -13.57
CA SER A 738 -1.99 -30.93 -14.94
C SER A 738 -2.13 -29.68 -15.82
N ASP A 739 -1.32 -29.66 -16.89
CA ASP A 739 -1.33 -28.53 -17.83
C ASP A 739 -2.70 -28.32 -18.46
N ASP A 740 -3.43 -29.39 -18.72
CA ASP A 740 -4.70 -29.27 -19.41
C ASP A 740 -5.74 -28.59 -18.51
N VAL A 741 -5.92 -29.09 -17.29
CA VAL A 741 -6.73 -28.38 -16.31
C VAL A 741 -6.34 -26.90 -16.23
N ILE A 742 -5.04 -26.60 -16.31
CA ILE A 742 -4.60 -25.21 -16.24
C ILE A 742 -4.90 -24.48 -17.53
N VAL A 743 -4.60 -25.08 -18.68
CA VAL A 743 -4.94 -24.38 -19.91
C VAL A 743 -6.45 -24.23 -20.02
N GLY A 744 -7.22 -25.26 -19.60
CA GLY A 744 -8.66 -25.18 -19.51
C GLY A 744 -9.13 -23.94 -18.79
N ARG A 745 -8.70 -23.79 -17.54
CA ARG A 745 -9.13 -22.64 -16.76
C ARG A 745 -8.77 -21.32 -17.42
N CYS A 746 -7.66 -21.27 -18.19
CA CYS A 746 -7.35 -20.09 -19.01
C CYS A 746 -8.43 -19.83 -20.04
N LEU A 747 -8.74 -20.84 -20.83
CA LEU A 747 -9.70 -20.69 -21.90
C LEU A 747 -11.06 -20.28 -21.35
N ALA A 748 -11.49 -20.91 -20.26
CA ALA A 748 -12.65 -20.42 -19.52
C ALA A 748 -12.59 -18.91 -19.34
N ILE A 749 -11.55 -18.43 -18.66
CA ILE A 749 -11.48 -17.02 -18.31
C ILE A 749 -11.49 -16.16 -19.57
N LEU A 750 -10.77 -16.61 -20.61
CA LEU A 750 -10.71 -15.85 -21.86
C LEU A 750 -12.04 -15.84 -22.60
N LYS A 751 -12.70 -17.00 -22.63
CA LYS A 751 -13.99 -17.10 -23.33
C LYS A 751 -14.92 -16.07 -22.70
N GLY A 752 -15.04 -16.09 -21.38
CA GLY A 752 -15.91 -15.12 -20.70
C GLY A 752 -15.56 -13.69 -21.04
N ILE A 753 -14.28 -13.34 -21.06
CA ILE A 753 -13.93 -11.91 -21.29
C ILE A 753 -14.01 -11.56 -22.77
N PHE A 754 -14.11 -12.54 -23.66
CA PHE A 754 -14.06 -12.14 -25.09
C PHE A 754 -15.09 -12.87 -25.92
N GLY A 755 -15.92 -13.68 -25.29
CA GLY A 755 -16.92 -14.40 -26.09
C GLY A 755 -16.43 -15.78 -26.36
N SER A 756 -17.26 -16.78 -26.14
CA SER A 756 -16.95 -18.22 -26.20
C SER A 756 -16.69 -18.80 -27.59
N SER A 757 -16.61 -18.00 -28.65
CA SER A 757 -16.37 -18.56 -30.00
C SER A 757 -15.21 -17.83 -30.64
N ALA A 758 -14.68 -16.80 -29.99
CA ALA A 758 -13.55 -16.05 -30.58
C ALA A 758 -12.24 -16.67 -30.12
N VAL A 759 -12.30 -17.41 -29.02
CA VAL A 759 -11.13 -18.05 -28.37
C VAL A 759 -10.94 -19.45 -28.93
N PRO A 760 -9.96 -19.70 -29.82
CA PRO A 760 -9.77 -21.03 -30.39
C PRO A 760 -8.97 -21.98 -29.52
N GLN A 761 -8.51 -23.07 -30.11
CA GLN A 761 -7.66 -23.93 -29.28
C GLN A 761 -6.24 -23.41 -29.45
N PRO A 762 -5.42 -23.31 -28.39
CA PRO A 762 -4.07 -22.82 -28.55
C PRO A 762 -3.25 -23.92 -29.23
N LYS A 763 -2.29 -23.52 -30.05
CA LYS A 763 -1.49 -24.52 -30.78
C LYS A 763 -0.40 -25.11 -29.89
N GLU A 764 0.23 -24.28 -29.05
CA GLU A 764 1.31 -24.70 -28.16
C GLU A 764 1.03 -24.14 -26.76
N THR A 765 1.29 -24.95 -25.72
CA THR A 765 1.14 -24.53 -24.32
C THR A 765 2.26 -25.08 -23.43
N VAL A 766 2.89 -24.18 -22.67
CA VAL A 766 3.87 -24.47 -21.65
C VAL A 766 3.41 -23.84 -20.34
N VAL A 767 3.57 -24.56 -19.24
CA VAL A 767 3.22 -24.07 -17.91
C VAL A 767 4.45 -24.20 -17.03
N SER A 768 4.98 -23.08 -16.56
CA SER A 768 6.15 -23.11 -15.70
C SER A 768 5.82 -23.73 -14.35
N ARG A 769 6.82 -24.39 -13.74
CA ARG A 769 6.68 -24.90 -12.37
C ARG A 769 8.03 -24.65 -11.66
N TRP A 770 8.20 -23.40 -11.18
CA TRP A 770 9.49 -22.91 -10.70
C TRP A 770 9.80 -23.41 -9.30
N ARG A 771 8.80 -23.61 -8.46
CA ARG A 771 9.10 -24.17 -7.15
C ARG A 771 9.44 -25.66 -7.26
N ALA A 772 9.00 -26.30 -8.34
CA ALA A 772 9.33 -27.71 -8.59
C ALA A 772 10.70 -27.87 -9.24
N ASP A 773 11.16 -26.87 -9.95
CA ASP A 773 12.43 -26.96 -10.64
C ASP A 773 13.55 -27.20 -9.65
N PRO A 774 14.25 -28.33 -9.74
CA PRO A 774 15.31 -28.62 -8.76
C PRO A 774 16.51 -27.66 -8.76
N TRP A 775 16.71 -26.85 -9.81
CA TRP A 775 17.81 -25.89 -9.87
C TRP A 775 17.36 -24.46 -9.56
N ALA A 776 16.19 -24.31 -8.96
CA ALA A 776 15.56 -23.03 -8.71
C ALA A 776 14.91 -23.12 -7.36
N ARG A 777 13.96 -24.04 -7.20
CA ARG A 777 13.24 -24.22 -5.93
C ARG A 777 12.42 -22.99 -5.57
N GLY A 778 11.97 -22.27 -6.60
CA GLY A 778 11.32 -20.99 -6.43
C GLY A 778 11.65 -20.04 -7.57
N SER A 779 11.05 -18.85 -7.57
CA SER A 779 11.29 -17.87 -8.62
C SER A 779 12.32 -16.82 -8.21
N TYR A 780 12.14 -16.16 -7.07
CA TYR A 780 13.13 -15.20 -6.60
C TYR A 780 12.82 -14.86 -5.14
N SER A 781 13.69 -14.05 -4.53
CA SER A 781 13.65 -13.84 -3.10
C SER A 781 12.78 -12.62 -2.77
N TYR A 782 12.55 -12.43 -1.48
CA TYR A 782 11.63 -11.43 -0.96
C TYR A 782 11.98 -11.23 0.49
N VAL A 783 11.71 -10.04 1.02
CA VAL A 783 12.13 -9.73 2.38
C VAL A 783 11.08 -10.34 3.30
N ALA A 784 11.40 -11.48 3.89
CA ALA A 784 10.43 -12.15 4.74
C ALA A 784 10.29 -11.42 6.05
N ALA A 785 9.08 -11.49 6.61
CA ALA A 785 8.89 -11.06 7.98
C ALA A 785 9.94 -11.73 8.87
N GLY A 786 10.66 -10.91 9.65
CA GLY A 786 11.76 -11.38 10.45
C GLY A 786 13.11 -11.23 9.77
N SER A 787 13.12 -10.94 8.48
CA SER A 787 14.33 -10.67 7.73
C SER A 787 14.48 -9.15 7.57
N SER A 788 15.64 -8.74 7.11
CA SER A 788 15.84 -7.36 6.73
C SER A 788 16.67 -7.32 5.47
N GLY A 789 16.94 -6.12 4.97
CA GLY A 789 17.82 -6.00 3.83
C GLY A 789 19.25 -6.30 4.18
N ASN A 790 19.57 -6.30 5.47
CA ASN A 790 20.93 -6.61 5.87
C ASN A 790 21.25 -8.11 5.66
N ASP A 791 20.24 -8.98 5.68
CA ASP A 791 20.50 -10.38 5.38
C ASP A 791 21.07 -10.53 4.00
N TYR A 792 20.58 -9.70 3.07
CA TYR A 792 21.14 -9.70 1.73
C TYR A 792 22.63 -9.40 1.76
N ASP A 793 23.09 -8.61 2.74
CA ASP A 793 24.50 -8.30 2.81
C ASP A 793 25.27 -9.51 3.33
N LEU A 794 24.79 -10.11 4.43
CA LEU A 794 25.29 -11.42 4.85
C LEU A 794 25.43 -12.41 3.70
N MET A 795 24.41 -12.57 2.85
CA MET A 795 24.59 -13.52 1.75
C MET A 795 25.79 -13.20 0.89
N ALA A 796 26.19 -11.94 0.77
CA ALA A 796 27.29 -11.61 -0.14
C ALA A 796 28.68 -11.76 0.48
N GLN A 797 28.78 -11.88 1.80
CA GLN A 797 30.02 -11.92 2.59
C GLN A 797 30.78 -13.22 2.32
N PRO A 798 31.99 -13.20 1.74
CA PRO A 798 32.70 -14.45 1.43
C PRO A 798 33.05 -15.24 2.69
N ILE A 799 33.49 -16.49 2.48
CA ILE A 799 33.80 -17.43 3.56
C ILE A 799 35.31 -17.69 3.61
N THR A 800 35.93 -17.44 4.77
CA THR A 800 37.37 -17.73 4.90
C THR A 800 37.56 -19.01 5.69
N PRO A 801 38.18 -20.05 5.12
CA PRO A 801 38.45 -21.28 5.87
C PRO A 801 39.39 -21.06 7.04
N GLY A 802 39.34 -21.97 8.01
CA GLY A 802 40.32 -22.00 9.08
C GLY A 802 41.69 -22.43 8.58
N PRO A 803 42.73 -22.21 9.39
CA PRO A 803 44.08 -22.60 8.96
C PRO A 803 44.24 -24.12 8.94
N SER A 804 45.04 -24.60 7.98
CA SER A 804 45.35 -26.04 7.91
C SER A 804 46.26 -26.43 9.05
N ILE A 805 47.50 -25.94 9.03
CA ILE A 805 48.39 -26.10 10.18
C ILE A 805 47.87 -25.21 11.30
N PRO A 806 47.64 -25.71 12.53
CA PRO A 806 47.18 -24.81 13.59
C PRO A 806 48.32 -23.88 14.04
N GLY A 807 47.95 -22.60 14.26
CA GLY A 807 48.94 -21.56 14.46
C GLY A 807 49.59 -21.03 13.19
N ALA A 808 49.04 -21.36 12.03
CA ALA A 808 49.44 -20.76 10.77
C ALA A 808 48.67 -19.45 10.57
N PRO A 809 49.16 -18.56 9.70
CA PRO A 809 48.49 -17.27 9.54
C PRO A 809 47.15 -17.41 8.87
N GLN A 810 46.30 -16.44 9.19
CA GLN A 810 44.94 -16.28 8.67
C GLN A 810 44.94 -16.39 7.17
N PRO A 811 44.16 -17.32 6.59
CA PRO A 811 44.12 -17.48 5.18
C PRO A 811 43.23 -16.46 4.48
N ILE A 812 43.25 -16.57 3.17
CA ILE A 812 42.48 -15.80 2.17
C ILE A 812 41.04 -16.29 2.20
N PRO A 813 40.07 -15.50 1.73
CA PRO A 813 38.70 -15.96 1.60
C PRO A 813 38.69 -16.94 0.41
N ARG A 814 37.86 -17.97 0.44
CA ARG A 814 37.96 -18.93 -0.68
C ARG A 814 36.62 -19.18 -1.34
N LEU A 815 35.54 -18.94 -0.63
CA LEU A 815 34.18 -19.17 -1.12
C LEU A 815 33.45 -17.84 -1.22
N PHE A 816 33.00 -17.50 -2.42
CA PHE A 816 32.41 -16.22 -2.79
C PHE A 816 30.99 -16.43 -3.33
N PHE A 817 30.11 -15.47 -3.06
CA PHE A 817 28.68 -15.63 -3.37
C PHE A 817 28.16 -14.49 -4.23
N ALA A 818 27.47 -14.84 -5.30
CA ALA A 818 26.76 -13.84 -6.10
C ALA A 818 25.36 -14.35 -6.38
N GLY A 819 24.65 -13.71 -7.27
CA GLY A 819 23.28 -14.13 -7.53
C GLY A 819 22.30 -13.10 -7.04
N GLU A 820 21.05 -13.17 -7.48
CA GLU A 820 19.99 -12.21 -7.09
C GLU A 820 19.84 -12.02 -5.59
N HIS A 821 20.05 -13.01 -4.75
CA HIS A 821 19.77 -12.85 -3.30
C HIS A 821 20.96 -12.30 -2.53
N THR A 822 21.89 -11.62 -3.17
CA THR A 822 23.08 -11.13 -2.47
C THR A 822 23.21 -9.63 -2.70
N ILE A 823 22.38 -9.04 -3.54
CA ILE A 823 22.58 -7.63 -3.81
C ILE A 823 21.43 -6.85 -3.15
N ARG A 824 21.72 -6.26 -1.98
CA ARG A 824 20.71 -5.55 -1.16
C ARG A 824 19.87 -4.53 -1.93
N ASN A 825 20.50 -3.63 -2.68
CA ASN A 825 19.70 -2.59 -3.31
C ASN A 825 18.99 -3.00 -4.60
N TYR A 826 19.15 -4.24 -5.10
CA TYR A 826 18.42 -4.62 -6.30
C TYR A 826 18.12 -6.12 -6.32
N PRO A 827 17.48 -6.68 -5.29
CA PRO A 827 17.22 -8.12 -5.32
C PRO A 827 16.18 -8.48 -6.37
N ALA A 828 16.05 -9.78 -6.54
CA ALA A 828 15.02 -10.41 -7.34
C ALA A 828 14.96 -9.85 -8.77
N THR A 829 16.09 -9.49 -9.36
CA THR A 829 16.05 -8.96 -10.71
C THR A 829 17.22 -9.49 -11.52
N VAL A 830 17.10 -9.42 -12.85
CA VAL A 830 18.27 -9.65 -13.71
C VAL A 830 19.34 -8.60 -13.45
N HIS A 831 18.97 -7.32 -13.52
CA HIS A 831 20.02 -6.32 -13.36
C HIS A 831 20.72 -6.51 -12.03
N GLY A 832 19.98 -6.94 -11.00
CA GLY A 832 20.61 -7.18 -9.71
C GLY A 832 21.55 -8.36 -9.74
N ALA A 833 21.15 -9.44 -10.40
CA ALA A 833 22.05 -10.57 -10.56
C ALA A 833 23.36 -10.11 -11.19
N LEU A 834 23.25 -9.52 -12.39
CA LEU A 834 24.42 -9.08 -13.15
C LEU A 834 25.32 -8.16 -12.33
N LEU A 835 24.74 -7.22 -11.62
CA LEU A 835 25.55 -6.37 -10.75
C LEU A 835 26.28 -7.22 -9.70
N SER A 836 25.63 -8.24 -9.15
CA SER A 836 26.31 -9.05 -8.14
C SER A 836 27.48 -9.82 -8.75
N GLY A 837 27.30 -10.33 -9.96
CA GLY A 837 28.40 -10.98 -10.67
C GLY A 837 29.58 -10.05 -10.90
N LEU A 838 29.30 -8.80 -11.28
CA LEU A 838 30.37 -7.83 -11.46
C LEU A 838 31.07 -7.59 -10.14
N ARG A 839 30.29 -7.52 -9.06
CA ARG A 839 30.82 -7.22 -7.73
C ARG A 839 31.77 -8.32 -7.23
N GLU A 840 31.35 -9.60 -7.25
CA GLU A 840 32.30 -10.62 -6.81
C GLU A 840 33.52 -10.66 -7.73
N ALA A 841 33.33 -10.55 -9.06
CA ALA A 841 34.50 -10.64 -9.93
C ALA A 841 35.46 -9.50 -9.67
N GLY A 842 34.95 -8.37 -9.22
CA GLY A 842 35.87 -7.35 -8.76
C GLY A 842 36.62 -7.82 -7.54
N ARG A 843 35.92 -8.41 -6.58
CA ARG A 843 36.53 -8.57 -5.27
C ARG A 843 37.42 -9.81 -5.23
N ILE A 844 37.08 -10.82 -6.03
CA ILE A 844 37.96 -11.97 -6.25
C ILE A 844 39.26 -11.53 -6.92
N ALA A 845 39.16 -10.75 -8.00
CA ALA A 845 40.36 -10.26 -8.68
C ALA A 845 41.22 -9.42 -7.74
N ASP A 846 40.58 -8.66 -6.86
CA ASP A 846 41.32 -7.87 -5.88
C ASP A 846 42.11 -8.79 -4.95
N GLN A 847 41.51 -9.92 -4.59
CA GLN A 847 42.07 -10.84 -3.62
C GLN A 847 43.20 -11.66 -4.22
N PHE A 848 43.01 -12.08 -5.45
CA PHE A 848 43.95 -13.02 -6.11
C PHE A 848 44.88 -12.34 -7.09
N LEU A 849 44.61 -11.12 -7.52
CA LEU A 849 45.56 -10.53 -8.46
C LEU A 849 46.13 -9.25 -7.87
N GLY A 850 45.57 -8.75 -6.78
CA GLY A 850 46.15 -7.52 -6.24
C GLY A 850 45.54 -6.26 -6.81
N ALA A 851 45.35 -5.27 -5.96
CA ALA A 851 44.75 -4.00 -6.38
C ALA A 851 45.85 -2.94 -6.48
N MET A 852 46.47 -2.81 -7.64
CA MET A 852 47.58 -1.85 -7.75
C MET A 852 47.06 -0.41 -7.67
N TYR A 853 45.75 -0.20 -7.69
CA TYR A 853 45.17 1.16 -7.66
C TYR A 853 44.88 1.70 -6.26
N THR A 854 45.24 0.97 -5.20
CA THR A 854 44.90 1.43 -3.85
C THR A 854 45.98 2.31 -3.21
N LEU A 855 47.24 2.22 -3.66
CA LEU A 855 48.34 3.11 -3.22
C LEU A 855 48.07 4.61 -3.48
N ARG B 12 3.74 12.13 9.70
CA ARG B 12 3.21 12.64 10.97
C ARG B 12 1.78 12.17 11.16
N LYS B 13 1.02 12.09 10.06
CA LYS B 13 -0.41 11.82 10.15
C LYS B 13 -0.83 10.85 9.02
N PRO B 14 -1.87 10.05 9.25
CA PRO B 14 -2.24 9.01 8.26
C PRO B 14 -2.69 9.62 6.95
N PRO B 15 -2.98 8.81 5.94
CA PRO B 15 -3.74 9.34 4.81
C PRO B 15 -5.07 9.82 5.33
N LYS B 16 -5.67 10.77 4.62
CA LYS B 16 -6.93 11.31 5.10
C LYS B 16 -8.02 10.25 4.97
N GLY B 17 -8.95 10.23 5.93
CA GLY B 17 -10.02 9.25 5.95
C GLY B 17 -9.70 7.94 6.65
N MET B 18 -8.44 7.48 6.61
CA MET B 18 -8.01 6.37 7.43
C MET B 18 -8.00 6.77 8.90
N PHE B 19 -8.37 5.83 9.78
CA PHE B 19 -8.57 6.19 11.18
C PHE B 19 -7.80 5.21 12.07
N LEU B 20 -6.57 5.59 12.46
CA LEU B 20 -5.65 4.64 13.03
C LEU B 20 -5.11 5.28 14.30
N SER B 21 -5.83 5.16 15.41
CA SER B 21 -5.28 5.67 16.67
C SER B 21 -4.58 4.54 17.41
N GLN B 22 -3.55 4.90 18.19
CA GLN B 22 -2.88 3.92 19.04
C GLN B 22 -3.92 3.06 19.75
N GLU B 23 -4.74 3.71 20.58
CA GLU B 23 -5.86 3.15 21.32
C GLU B 23 -6.63 2.09 20.51
N ASP B 24 -6.99 2.45 19.27
CA ASP B 24 -7.84 1.58 18.46
C ASP B 24 -7.09 0.34 17.99
N VAL B 25 -5.83 0.52 17.58
CA VAL B 25 -5.02 -0.53 16.96
C VAL B 25 -4.89 -1.68 17.96
N GLU B 26 -4.29 -1.37 19.11
CA GLU B 26 -4.20 -2.26 20.26
C GLU B 26 -5.45 -3.09 20.48
N ALA B 27 -6.61 -2.44 20.56
CA ALA B 27 -7.86 -3.09 20.90
C ALA B 27 -8.36 -4.04 19.82
N VAL B 28 -7.76 -4.02 18.62
CA VAL B 28 -8.13 -4.96 17.59
C VAL B 28 -7.13 -6.12 17.49
N SER B 29 -5.93 -5.96 18.05
CA SER B 29 -4.88 -6.98 18.03
C SER B 29 -4.80 -7.77 19.34
N ALA B 30 -5.59 -7.40 20.35
CA ALA B 30 -5.46 -7.96 21.69
C ALA B 30 -5.47 -9.49 21.69
N ASN B 31 -6.38 -10.12 20.93
CA ASN B 31 -6.37 -11.56 20.81
C ASN B 31 -6.62 -11.91 19.35
N ALA B 32 -6.91 -13.20 19.10
CA ALA B 32 -7.13 -13.68 17.73
C ALA B 32 -8.39 -13.05 17.14
N THR B 33 -9.51 -13.12 17.86
CA THR B 33 -10.78 -12.57 17.43
C THR B 33 -11.14 -11.26 18.13
N ALA B 34 -10.18 -10.61 18.81
CA ALA B 34 -10.47 -9.31 19.40
C ALA B 34 -10.93 -8.33 18.35
N ALA B 35 -10.61 -8.57 17.08
CA ALA B 35 -11.13 -7.74 16.00
C ALA B 35 -12.58 -8.07 15.69
N THR B 36 -12.91 -9.36 15.62
CA THR B 36 -14.28 -9.74 15.30
C THR B 36 -15.23 -9.46 16.47
N THR B 37 -14.75 -9.56 17.71
CA THR B 37 -15.55 -9.14 18.86
C THR B 37 -15.94 -7.67 18.74
N VAL B 38 -14.95 -6.77 18.69
CA VAL B 38 -15.21 -5.33 18.64
C VAL B 38 -16.24 -4.95 17.57
N LEU B 39 -16.19 -5.61 16.41
CA LEU B 39 -17.10 -5.30 15.30
C LEU B 39 -18.47 -5.98 15.42
N ARG B 40 -18.67 -6.86 16.40
CA ARG B 40 -20.02 -7.28 16.78
C ARG B 40 -20.59 -6.42 17.88
N GLN B 41 -19.77 -6.02 18.87
CA GLN B 41 -20.29 -5.08 19.87
C GLN B 41 -20.75 -3.78 19.25
N LEU B 42 -20.46 -3.55 17.98
CA LEU B 42 -20.99 -2.37 17.32
C LEU B 42 -22.19 -2.68 16.43
N ASP B 43 -22.23 -3.82 15.73
CA ASP B 43 -23.46 -4.18 15.06
C ASP B 43 -24.63 -4.31 16.04
N MET B 44 -24.38 -4.87 17.22
CA MET B 44 -25.46 -4.96 18.20
C MET B 44 -25.76 -3.59 18.78
N GLU B 45 -24.73 -2.77 19.01
CA GLU B 45 -24.98 -1.40 19.44
C GLU B 45 -25.72 -0.59 18.37
N LEU B 46 -25.68 -1.00 17.10
CA LEU B 46 -26.39 -0.23 16.09
C LEU B 46 -27.83 -0.69 15.94
N VAL B 47 -28.05 -1.98 16.07
CA VAL B 47 -29.44 -2.49 15.95
C VAL B 47 -30.18 -2.00 17.18
N SER B 48 -29.52 -1.98 18.31
CA SER B 48 -30.22 -1.55 19.54
C SER B 48 -30.65 -0.11 19.39
N VAL B 49 -29.80 0.75 18.86
CA VAL B 49 -30.23 2.16 18.71
C VAL B 49 -31.31 2.24 17.64
N LYS B 50 -31.21 1.47 16.57
CA LYS B 50 -32.23 1.61 15.51
C LYS B 50 -33.59 1.20 16.07
N ARG B 51 -33.64 0.15 16.88
CA ARG B 51 -34.95 -0.23 17.41
C ARG B 51 -35.42 0.85 18.38
N GLN B 52 -34.50 1.51 19.08
CA GLN B 52 -34.97 2.60 19.98
C GLN B 52 -35.55 3.72 19.13
N ILE B 53 -34.96 4.01 17.99
CA ILE B 53 -35.46 5.09 17.12
C ILE B 53 -36.87 4.73 16.67
N GLN B 54 -37.15 3.47 16.33
CA GLN B 54 -38.52 3.11 15.93
C GLN B 54 -39.46 3.38 17.10
N ASN B 55 -39.07 3.01 18.30
CA ASN B 55 -39.97 3.15 19.46
C ASN B 55 -40.38 4.59 19.64
N ILE B 56 -39.43 5.52 19.60
CA ILE B 56 -39.78 6.95 19.77
C ILE B 56 -40.59 7.42 18.58
N LYS B 57 -40.28 6.93 17.39
CA LYS B 57 -41.06 7.37 16.21
C LYS B 57 -42.50 6.96 16.41
N GLN B 58 -42.77 5.75 16.88
CA GLN B 58 -44.17 5.33 17.15
C GLN B 58 -44.75 6.15 18.29
N THR B 59 -43.99 6.35 19.36
CA THR B 59 -44.54 7.12 20.49
C THR B 59 -44.86 8.53 20.02
N ASN B 60 -43.91 9.19 19.41
CA ASN B 60 -44.13 10.55 18.93
C ASN B 60 -45.18 10.62 17.83
N SER B 61 -45.43 9.53 17.10
CA SER B 61 -46.53 9.54 16.15
C SER B 61 -47.88 9.52 16.86
N ALA B 62 -47.92 8.98 18.08
CA ALA B 62 -49.16 8.93 18.85
C ALA B 62 -49.44 10.27 19.52
N LEU B 63 -48.44 10.85 20.20
CA LEU B 63 -48.62 12.18 20.78
C LEU B 63 -48.99 13.20 19.69
N LYS B 64 -48.54 12.97 18.46
CA LYS B 64 -48.78 13.90 17.36
C LYS B 64 -50.20 13.81 16.81
N GLU B 65 -50.88 12.67 17.00
CA GLU B 65 -52.27 12.61 16.59
C GLU B 65 -53.23 13.19 17.64
N LYS B 66 -52.88 13.10 18.93
CA LYS B 66 -53.66 13.79 19.95
C LYS B 66 -53.75 15.29 19.72
N LEU B 67 -52.80 15.86 19.00
CA LEU B 67 -52.88 17.32 18.77
C LEU B 67 -53.55 17.55 17.43
N ASP B 68 -54.33 16.59 16.97
CA ASP B 68 -54.93 16.83 15.63
C ASP B 68 -55.86 18.03 15.73
N GLY B 69 -55.74 18.93 14.76
CA GLY B 69 -56.54 20.16 14.64
C GLY B 69 -55.94 21.31 15.42
N GLY B 70 -54.88 21.07 16.18
CA GLY B 70 -54.25 22.13 16.96
C GLY B 70 -55.20 22.75 17.95
N ILE B 71 -55.10 24.07 18.11
CA ILE B 71 -55.94 24.83 19.07
C ILE B 71 -56.78 25.86 18.32
N GLU B 72 -57.13 25.59 17.08
CA GLU B 72 -57.94 26.56 16.31
C GLU B 72 -59.29 26.74 17.01
N PRO B 73 -59.91 25.67 17.51
CA PRO B 73 -61.16 25.80 18.24
C PRO B 73 -61.11 26.58 19.55
N TYR B 74 -59.93 26.79 20.10
CA TYR B 74 -59.84 27.47 21.41
C TYR B 74 -59.29 28.88 21.23
N ARG B 75 -59.05 29.26 20.00
CA ARG B 75 -58.48 30.61 19.72
C ARG B 75 -59.52 31.69 19.96
N LEU B 76 -59.09 32.82 20.49
CA LEU B 76 -60.04 33.93 20.74
C LEU B 76 -59.60 35.10 19.89
N PRO B 77 -60.54 35.81 19.23
CA PRO B 77 -60.19 36.94 18.38
C PRO B 77 -59.53 38.11 19.12
N GLU B 78 -58.71 38.86 18.39
CA GLU B 78 -57.94 40.03 18.87
C GLU B 78 -58.85 41.19 19.25
N VAL B 79 -58.61 41.77 20.43
CA VAL B 79 -59.32 42.89 21.02
C VAL B 79 -58.50 44.14 20.68
N ILE B 80 -58.88 44.83 19.61
CA ILE B 80 -58.17 46.03 19.15
C ILE B 80 -58.84 47.22 19.83
N GLN B 81 -58.24 47.76 20.89
CA GLN B 81 -58.87 48.88 21.57
C GLN B 81 -57.84 49.94 21.94
N LYS B 82 -58.17 51.19 21.58
CA LYS B 82 -57.26 52.32 21.72
C LYS B 82 -57.07 52.66 23.19
N CYS B 83 -55.82 52.80 23.62
CA CYS B 83 -55.50 52.97 25.03
C CYS B 83 -55.90 54.36 25.55
N ASN B 84 -56.55 54.39 26.72
CA ASN B 84 -57.10 55.59 27.35
C ASN B 84 -56.32 55.95 28.61
N ALA B 85 -56.48 57.19 29.04
CA ALA B 85 -55.65 57.73 30.11
C ALA B 85 -56.36 57.83 31.44
N ARG B 86 -57.65 58.14 31.42
CA ARG B 86 -58.52 58.20 32.59
C ARG B 86 -58.88 56.79 33.08
N TRP B 87 -59.32 56.73 34.33
CA TRP B 87 -59.56 55.49 35.06
C TRP B 87 -61.02 55.42 35.50
N THR B 88 -61.90 54.81 34.70
CA THR B 88 -63.25 54.57 35.20
C THR B 88 -63.15 53.81 36.51
N THR B 89 -64.11 54.03 37.41
CA THR B 89 -64.10 53.25 38.67
C THR B 89 -64.18 51.79 38.31
N GLU B 90 -64.78 51.49 37.17
CA GLU B 90 -64.84 50.08 36.73
C GLU B 90 -63.42 49.63 36.48
N GLU B 91 -62.64 50.45 35.79
CA GLU B 91 -61.24 50.11 35.51
C GLU B 91 -60.48 50.03 36.81
N GLN B 92 -60.72 50.92 37.74
CA GLN B 92 -59.96 50.80 39.00
C GLN B 92 -60.32 49.50 39.71
N LEU B 93 -61.58 49.12 39.72
CA LEU B 93 -61.99 47.90 40.44
C LEU B 93 -61.36 46.68 39.78
N LEU B 94 -61.31 46.67 38.46
CA LEU B 94 -60.67 45.54 37.75
C LEU B 94 -59.24 45.44 38.23
N ALA B 95 -58.54 46.58 38.29
CA ALA B 95 -57.14 46.65 38.65
C ALA B 95 -56.86 45.92 39.95
N VAL B 96 -57.36 46.46 41.07
CA VAL B 96 -57.16 45.87 42.41
C VAL B 96 -57.34 44.36 42.37
N GLN B 97 -58.30 43.92 41.60
CA GLN B 97 -58.67 42.53 41.64
C GLN B 97 -57.74 41.68 40.80
N ALA B 98 -57.04 42.32 39.85
CA ALA B 98 -55.98 41.67 39.09
C ALA B 98 -54.68 41.64 39.88
N ILE B 99 -54.43 42.69 40.65
CA ILE B 99 -53.29 42.69 41.56
C ILE B 99 -53.41 41.52 42.54
N ARG B 100 -54.61 41.28 43.04
CA ARG B 100 -54.85 40.15 43.93
C ARG B 100 -54.56 38.82 43.23
N LYS B 101 -54.69 38.78 41.91
CA LYS B 101 -54.48 37.56 41.15
C LYS B 101 -53.10 37.45 40.54
N TYR B 102 -52.41 38.57 40.30
CA TYR B 102 -51.24 38.57 39.44
C TYR B 102 -49.99 39.24 40.03
N GLY B 103 -50.00 39.65 41.30
CA GLY B 103 -48.85 40.33 41.90
C GLY B 103 -48.32 41.53 41.16
N ARG B 104 -47.08 41.43 40.73
CA ARG B 104 -46.46 42.58 40.06
C ARG B 104 -46.29 42.22 38.60
N ASP B 105 -47.14 41.35 38.08
CA ASP B 105 -46.99 41.05 36.63
C ASP B 105 -47.74 42.12 35.86
N PHE B 106 -47.15 43.29 35.67
CA PHE B 106 -47.83 44.42 34.98
C PHE B 106 -48.34 44.04 33.59
N GLN B 107 -47.65 43.20 32.85
CA GLN B 107 -48.14 42.82 31.51
C GLN B 107 -49.52 42.17 31.63
N ALA B 108 -49.70 41.30 32.61
CA ALA B 108 -51.02 40.64 32.75
C ALA B 108 -52.05 41.73 33.02
N ILE B 109 -51.83 42.46 34.10
CA ILE B 109 -52.76 43.53 34.55
C ILE B 109 -53.06 44.44 33.38
N SER B 110 -52.06 44.82 32.63
CA SER B 110 -52.38 45.62 31.46
C SER B 110 -53.25 44.85 30.47
N ASP B 111 -53.12 43.52 30.42
CA ASP B 111 -53.90 42.74 29.47
C ASP B 111 -55.34 42.63 29.92
N VAL B 112 -55.54 42.41 31.22
CA VAL B 112 -56.86 42.35 31.82
C VAL B 112 -57.62 43.65 31.60
N ILE B 113 -57.03 44.78 31.99
CA ILE B 113 -57.83 46.00 31.93
C ILE B 113 -58.05 46.43 30.47
N GLY B 114 -57.09 46.19 29.59
CA GLY B 114 -57.38 46.15 28.18
C GLY B 114 -57.08 47.40 27.39
N ASN B 115 -57.33 48.57 27.97
CA ASN B 115 -56.98 49.82 27.32
C ASN B 115 -56.07 50.64 28.20
N LYS B 116 -55.10 49.98 28.83
CA LYS B 116 -54.17 50.66 29.72
C LYS B 116 -52.75 50.20 29.39
N SER B 117 -51.84 51.16 29.21
CA SER B 117 -50.45 50.87 28.94
C SER B 117 -49.73 50.45 30.21
N VAL B 118 -48.73 49.57 30.05
CA VAL B 118 -48.02 48.95 31.16
C VAL B 118 -47.42 49.96 32.14
N VAL B 119 -47.16 51.18 31.68
CA VAL B 119 -46.64 52.20 32.58
C VAL B 119 -47.77 52.79 33.41
N GLN B 120 -48.90 53.15 32.77
CA GLN B 120 -50.07 53.60 33.51
C GLN B 120 -50.38 52.61 34.62
N VAL B 121 -50.23 51.32 34.31
CA VAL B 121 -50.47 50.27 35.31
C VAL B 121 -49.53 50.42 36.49
N LYS B 122 -48.23 50.59 36.22
CA LYS B 122 -47.30 50.77 37.34
C LYS B 122 -47.48 52.13 38.01
N ASN B 123 -47.83 53.16 37.24
CA ASN B 123 -48.16 54.46 37.84
C ASN B 123 -49.28 54.31 38.87
N PHE B 124 -50.35 53.60 38.50
CA PHE B 124 -51.47 53.33 39.39
C PHE B 124 -51.00 52.82 40.76
N PHE B 125 -50.08 51.86 40.74
CA PHE B 125 -49.54 51.29 41.97
C PHE B 125 -49.10 52.35 42.98
N VAL B 126 -48.70 53.53 42.52
CA VAL B 126 -48.31 54.60 43.44
C VAL B 126 -49.48 55.51 43.79
N ASN B 127 -50.16 56.04 42.80
CA ASN B 127 -51.21 57.03 43.16
C ASN B 127 -52.30 56.38 44.00
N TYR B 128 -52.76 55.21 43.60
CA TYR B 128 -53.89 54.57 44.32
C TYR B 128 -53.38 53.67 45.44
N ARG B 129 -52.11 53.75 45.76
CA ARG B 129 -51.58 52.74 46.68
C ARG B 129 -52.17 52.88 48.07
N ARG B 130 -52.19 54.07 48.63
CA ARG B 130 -52.60 54.15 50.05
C ARG B 130 -54.10 53.93 50.19
N ARG B 131 -54.85 54.37 49.19
CA ARG B 131 -56.34 54.33 49.22
C ARG B 131 -56.86 52.90 49.05
N PHE B 132 -56.06 52.01 48.48
CA PHE B 132 -56.53 50.64 48.20
C PHE B 132 -55.76 49.60 48.99
N ASN B 133 -54.91 50.00 49.93
CA ASN B 133 -54.11 49.05 50.73
C ASN B 133 -53.39 48.06 49.83
N ILE B 134 -52.73 48.51 48.78
CA ILE B 134 -52.05 47.60 47.81
C ILE B 134 -51.06 46.68 48.51
N ASP B 135 -50.33 47.19 49.48
CA ASP B 135 -49.41 46.35 50.28
C ASP B 135 -50.20 45.14 50.75
N GLU B 136 -51.29 45.38 51.47
CA GLU B 136 -52.15 44.29 51.98
C GLU B 136 -52.55 43.43 50.79
N VAL B 137 -52.95 44.03 49.69
CA VAL B 137 -53.36 43.18 48.55
C VAL B 137 -52.17 42.37 48.04
N LEU B 138 -51.04 43.01 47.84
CA LEU B 138 -49.86 42.25 47.36
C LEU B 138 -49.44 41.25 48.44
N GLN B 139 -49.50 41.69 49.69
CA GLN B 139 -49.16 40.82 50.83
C GLN B 139 -50.11 39.63 50.80
N GLU B 140 -51.40 39.86 50.60
CA GLU B 140 -52.36 38.72 50.56
C GLU B 140 -52.01 37.80 49.39
N TRP B 141 -51.64 38.37 48.24
CA TRP B 141 -51.29 37.58 47.04
C TRP B 141 -49.98 36.82 47.22
N GLU B 142 -49.11 37.29 48.10
CA GLU B 142 -47.84 36.57 48.36
C GLU B 142 -48.17 35.19 48.93
N ALA B 143 -49.17 35.07 49.79
CA ALA B 143 -49.44 33.74 50.38
C ALA B 143 -50.23 32.88 49.41
N GLU B 144 -49.52 32.29 48.45
CA GLU B 144 -50.02 31.38 47.40
C GLU B 144 -48.81 30.67 46.81
#